data_4S3I
#
_entry.id   4S3I
#
_cell.length_a   82.502
_cell.length_b   65.474
_cell.length_c   88.900
_cell.angle_alpha   90.00
_cell.angle_beta   116.03
_cell.angle_gamma   90.00
#
_symmetry.space_group_name_H-M   'P 1 2 1'
#
loop_
_entity.id
_entity.type
_entity.pdbx_description
1 polymer 'DNA polymerase III subunit beta'
2 water water
#
_entity_poly.entity_id   1
_entity_poly.type   'polypeptide(L)'
_entity_poly.pdbx_seq_one_letter_code
;MAMKISVSKNDLENALRYLQAFLDKKDASSIASHIHLEVIKEKLFLKASDSDIGLKSYIFTQSSDKEGVGTINGKKFLDI
ISCLKDSNIILETKDDSLAIKQNKSSFKLPMFDADEFPEFPVIDPKVSIEVNAPFLVDAFKKIAPVIEQTSHKRELAGIL
MQFDQKHQTLSVVGTDTKRLSYTQLEKISIHSTEEDISCILPKRALLEILKLFYENFSFKSDGMLAVIENEMHTFFTKLI
DGNYPDYQKILPKEYISSFTLGKEEFKESIKLCSSLSSTIKLTLEKNNALFESLDSEHSETAKTSVEIEKGLDIEKAFHL
GVNAKFFLEALNALGTTQFVLRCNEPSSPFLIQESLDEKQSHLNAKISTLMMPITLELHHHHHH
;
_entity_poly.pdbx_strand_id   A,B
#
# COMPACT_ATOMS: atom_id res chain seq x y z
N MET A 3 -20.87 34.67 21.46
CA MET A 3 -20.18 34.35 20.20
C MET A 3 -20.21 35.52 19.24
N LYS A 4 -19.11 35.73 18.52
CA LYS A 4 -19.09 36.74 17.46
C LYS A 4 -17.96 36.44 16.48
N ILE A 5 -18.33 36.13 15.24
CA ILE A 5 -17.39 35.77 14.20
C ILE A 5 -17.90 36.23 12.84
N SER A 6 -17.04 36.15 11.82
CA SER A 6 -17.50 36.27 10.45
C SER A 6 -16.99 35.05 9.72
N VAL A 7 -17.77 34.54 8.77
CA VAL A 7 -17.38 33.38 8.00
C VAL A 7 -17.68 33.58 6.52
N SER A 8 -17.10 32.71 5.71
CA SER A 8 -17.38 32.69 4.28
C SER A 8 -18.75 32.07 4.04
N LYS A 9 -19.56 32.73 3.22
CA LYS A 9 -20.90 32.24 2.89
C LYS A 9 -20.85 30.84 2.31
N ASN A 10 -19.98 30.62 1.34
CA ASN A 10 -19.92 29.31 0.69
C ASN A 10 -19.41 28.19 1.59
N ASP A 11 -18.43 28.50 2.45
CA ASP A 11 -17.95 27.53 3.42
C ASP A 11 -19.09 27.15 4.36
N LEU A 12 -19.79 28.16 4.85
CA LEU A 12 -20.89 27.95 5.79
C LEU A 12 -21.99 27.13 5.13
N GLU A 13 -22.41 27.55 3.94
CA GLU A 13 -23.50 26.87 3.23
C GLU A 13 -23.17 25.40 3.00
N ASN A 14 -21.97 25.13 2.49
CA ASN A 14 -21.51 23.76 2.33
C ASN A 14 -21.56 22.94 3.62
N ALA A 15 -21.05 23.51 4.70
CA ALA A 15 -21.09 22.81 5.98
C ALA A 15 -22.54 22.51 6.39
N LEU A 16 -23.42 23.49 6.22
CA LEU A 16 -24.82 23.29 6.59
C LEU A 16 -25.50 22.23 5.73
N ARG A 17 -25.13 22.17 4.46
CA ARG A 17 -25.73 21.16 3.58
C ARG A 17 -25.44 19.74 4.06
N TYR A 18 -24.20 19.48 4.44
CA TYR A 18 -23.83 18.16 4.93
C TYR A 18 -24.58 17.81 6.20
N LEU A 19 -24.87 18.82 7.01
CA LEU A 19 -25.43 18.58 8.32
C LEU A 19 -26.94 18.29 8.31
N GLN A 20 -27.59 18.61 7.19
CA GLN A 20 -29.05 18.49 7.12
C GLN A 20 -29.51 17.06 7.41
N ALA A 21 -28.75 16.07 6.95
CA ALA A 21 -29.18 14.68 7.05
C ALA A 21 -29.17 14.17 8.48
N PHE A 22 -28.58 14.94 9.38
CA PHE A 22 -28.43 14.50 10.77
C PHE A 22 -29.38 15.22 11.70
N LEU A 23 -30.35 15.93 11.12
CA LEU A 23 -31.34 16.66 11.91
C LEU A 23 -32.71 16.01 11.74
N ASP A 24 -33.48 15.97 12.80
CA ASP A 24 -34.89 15.66 12.68
C ASP A 24 -35.58 16.99 12.45
N LYS A 25 -35.93 17.27 11.20
CA LYS A 25 -36.29 18.63 10.80
C LYS A 25 -37.75 19.04 10.99
N LYS A 26 -38.64 18.07 11.20
CA LYS A 26 -40.08 18.34 11.16
C LYS A 26 -40.62 19.10 12.36
N ASP A 27 -40.07 18.81 13.53
CA ASP A 27 -40.47 19.52 14.74
C ASP A 27 -39.35 20.51 15.10
N ALA A 28 -39.53 21.76 14.71
CA ALA A 28 -38.50 22.77 14.91
C ALA A 28 -38.40 23.19 16.38
N SER A 29 -39.38 22.80 17.19
CA SER A 29 -39.34 23.13 18.61
C SER A 29 -38.45 22.16 19.42
N SER A 30 -37.94 21.13 18.76
CA SER A 30 -37.08 20.14 19.42
C SER A 30 -35.61 20.41 19.12
N ILE A 31 -34.75 20.21 20.13
CA ILE A 31 -33.32 20.42 19.93
C ILE A 31 -32.76 19.46 18.89
N ALA A 32 -33.48 18.37 18.60
CA ALA A 32 -33.05 17.46 17.53
C ALA A 32 -33.05 18.12 16.15
N SER A 33 -33.75 19.25 16.03
CA SER A 33 -33.76 20.00 14.77
C SER A 33 -32.63 21.03 14.71
N HIS A 34 -31.79 21.05 15.75
CA HIS A 34 -30.78 22.09 15.92
C HIS A 34 -29.34 21.63 15.71
N ILE A 35 -28.53 22.56 15.20
CA ILE A 35 -27.10 22.39 15.08
C ILE A 35 -26.40 23.11 16.24
N HIS A 36 -25.47 22.40 16.91
CA HIS A 36 -24.66 22.98 17.98
C HIS A 36 -23.50 23.74 17.32
N LEU A 37 -23.24 24.94 17.81
CA LEU A 37 -22.17 25.78 17.26
C LEU A 37 -21.14 26.03 18.37
N GLU A 38 -19.87 25.99 18.00
CA GLU A 38 -18.81 26.32 18.97
C GLU A 38 -17.66 27.04 18.29
N VAL A 39 -17.31 28.22 18.81
CA VAL A 39 -16.19 28.96 18.26
C VAL A 39 -14.99 28.72 19.17
N ILE A 40 -13.94 28.12 18.61
CA ILE A 40 -12.71 27.86 19.33
C ILE A 40 -11.52 28.35 18.51
N LYS A 41 -10.85 29.40 18.99
CA LYS A 41 -9.74 30.00 18.24
C LYS A 41 -10.21 30.43 16.85
N GLU A 42 -9.57 29.93 15.81
CA GLU A 42 -9.96 30.35 14.47
C GLU A 42 -10.85 29.35 13.74
N LYS A 43 -11.54 28.49 14.49
CA LYS A 43 -12.48 27.53 13.88
C LYS A 43 -13.91 27.73 14.40
N LEU A 44 -14.89 27.47 13.53
CA LEU A 44 -16.28 27.31 13.95
C LEU A 44 -16.64 25.84 13.76
N PHE A 45 -17.00 25.16 14.83
CA PHE A 45 -17.44 23.79 14.77
C PHE A 45 -18.96 23.75 14.74
N LEU A 46 -19.49 22.92 13.86
CA LEU A 46 -20.92 22.75 13.72
C LEU A 46 -21.19 21.26 13.87
N LYS A 47 -22.09 20.89 14.77
CA LYS A 47 -22.38 19.47 14.93
C LYS A 47 -23.85 19.14 15.11
N ALA A 48 -24.26 18.02 14.52
CA ALA A 48 -25.62 17.51 14.63
C ALA A 48 -25.54 16.03 14.90
N SER A 49 -26.09 15.60 16.03
CA SER A 49 -25.98 14.20 16.43
C SER A 49 -27.12 13.77 17.35
N ASP A 50 -27.33 12.46 17.43
CA ASP A 50 -28.17 11.90 18.48
C ASP A 50 -27.46 10.68 19.03
N SER A 51 -28.18 9.83 19.75
CA SER A 51 -27.61 8.61 20.30
C SER A 51 -27.09 7.65 19.22
N ASP A 52 -27.67 7.72 18.03
CA ASP A 52 -27.45 6.70 17.00
C ASP A 52 -26.41 7.08 15.95
N ILE A 53 -26.30 8.37 15.65
CA ILE A 53 -25.47 8.82 14.53
C ILE A 53 -25.20 10.32 14.67
N GLY A 54 -24.13 10.79 14.04
CA GLY A 54 -23.79 12.20 14.15
C GLY A 54 -22.62 12.64 13.30
N LEU A 55 -22.57 13.95 13.06
CA LEU A 55 -21.53 14.55 12.25
C LEU A 55 -21.04 15.80 12.97
N LYS A 56 -19.72 15.94 13.08
CA LYS A 56 -19.11 17.16 13.59
C LYS A 56 -18.14 17.69 12.53
N SER A 57 -18.33 18.94 12.14
CA SER A 57 -17.52 19.55 11.08
C SER A 57 -16.97 20.88 11.58
N TYR A 58 -16.00 21.43 10.86
CA TYR A 58 -15.56 22.79 11.13
C TYR A 58 -15.33 23.58 9.86
N ILE A 59 -15.45 24.90 9.96
CA ILE A 59 -14.93 25.81 8.96
C ILE A 59 -14.04 26.82 9.68
N PHE A 60 -13.08 27.39 8.94
CA PHE A 60 -12.24 28.43 9.50
C PHE A 60 -13.04 29.71 9.52
N THR A 61 -12.86 30.50 10.56
CA THR A 61 -13.48 31.83 10.62
C THR A 61 -12.64 32.84 9.85
N GLN A 62 -13.31 33.81 9.22
CA GLN A 62 -12.64 34.93 8.58
C GLN A 62 -12.16 35.91 9.64
N SER A 63 -12.94 36.05 10.70
CA SER A 63 -12.52 36.82 11.86
C SER A 63 -13.20 36.23 13.08
N SER A 64 -12.67 36.55 14.25
CA SER A 64 -13.18 36.00 15.50
C SER A 64 -12.97 37.04 16.59
N ASP A 65 -14.06 37.52 17.18
CA ASP A 65 -13.99 38.55 18.20
C ASP A 65 -14.32 37.99 19.56
N LYS A 66 -15.13 36.93 19.57
CA LYS A 66 -15.66 36.38 20.80
C LYS A 66 -15.94 34.89 20.66
N GLU A 67 -15.35 34.10 21.55
CA GLU A 67 -15.50 32.65 21.54
C GLU A 67 -16.66 32.21 22.44
N GLY A 68 -17.33 31.12 22.07
CA GLY A 68 -18.43 30.61 22.87
C GLY A 68 -19.27 29.58 22.11
N VAL A 69 -20.38 29.16 22.72
CA VAL A 69 -21.22 28.11 22.14
C VAL A 69 -22.66 28.59 21.99
N GLY A 70 -23.42 27.94 21.12
CA GLY A 70 -24.84 28.21 20.93
C GLY A 70 -25.47 27.12 20.08
N THR A 71 -26.76 27.25 19.76
CA THR A 71 -27.43 26.29 18.88
C THR A 71 -28.37 27.04 17.97
N ILE A 72 -28.77 26.43 16.85
CA ILE A 72 -29.66 27.07 15.91
C ILE A 72 -30.35 26.00 15.08
N ASN A 73 -31.61 26.26 14.71
CA ASN A 73 -32.34 25.38 13.82
C ASN A 73 -31.61 25.22 12.49
N GLY A 74 -31.17 24.01 12.19
CA GLY A 74 -30.32 23.76 11.03
C GLY A 74 -31.00 24.00 9.69
N LYS A 75 -32.28 23.70 9.59
CA LYS A 75 -32.97 23.85 8.32
C LYS A 75 -33.19 25.34 7.99
N LYS A 76 -33.66 26.09 8.97
CA LYS A 76 -33.85 27.53 8.80
C LYS A 76 -32.51 28.22 8.51
N PHE A 77 -31.48 27.83 9.24
CA PHE A 77 -30.13 28.37 9.07
C PHE A 77 -29.69 28.22 7.63
N LEU A 78 -29.83 27.01 7.09
CA LEU A 78 -29.44 26.79 5.70
C LEU A 78 -30.36 27.54 4.73
N ASP A 79 -31.65 27.59 5.04
CA ASP A 79 -32.57 28.29 4.14
C ASP A 79 -32.17 29.77 4.01
N ILE A 80 -31.80 30.38 5.14
CA ILE A 80 -31.33 31.76 5.14
C ILE A 80 -30.02 31.94 4.36
N ILE A 81 -28.98 31.18 4.75
CA ILE A 81 -27.68 31.30 4.10
C ILE A 81 -27.75 31.10 2.59
N SER A 82 -28.52 30.12 2.14
CA SER A 82 -28.57 29.81 0.71
C SER A 82 -29.17 30.97 -0.10
N CYS A 83 -29.88 31.86 0.57
CA CYS A 83 -30.50 33.00 -0.11
C CYS A 83 -29.68 34.27 -0.03
N LEU A 84 -28.52 34.20 0.61
CA LEU A 84 -27.70 35.39 0.82
C LEU A 84 -26.73 35.64 -0.34
N LYS A 85 -25.98 36.75 -0.27
CA LYS A 85 -25.01 37.05 -1.32
C LYS A 85 -23.75 36.26 -1.08
N ASP A 86 -22.85 36.25 -2.05
CA ASP A 86 -21.54 35.63 -1.88
C ASP A 86 -20.57 36.65 -1.30
N SER A 87 -20.84 37.06 -0.08
CA SER A 87 -19.96 37.91 0.72
C SER A 87 -19.99 37.38 2.16
N ASN A 88 -19.02 37.79 2.97
CA ASN A 88 -18.89 37.24 4.31
C ASN A 88 -20.11 37.47 5.20
N ILE A 89 -20.35 36.54 6.11
CA ILE A 89 -21.51 36.58 7.00
C ILE A 89 -21.10 36.72 8.45
N ILE A 90 -21.74 37.63 9.17
CA ILE A 90 -21.49 37.82 10.58
C ILE A 90 -22.46 36.98 11.42
N LEU A 91 -21.92 36.19 12.35
CA LEU A 91 -22.76 35.45 13.28
C LEU A 91 -22.46 35.95 14.68
N GLU A 92 -23.50 36.40 15.38
CA GLU A 92 -23.29 36.98 16.70
C GLU A 92 -24.44 36.63 17.64
N THR A 93 -24.13 36.09 18.80
CA THR A 93 -25.18 35.76 19.75
C THR A 93 -25.66 37.02 20.45
N LYS A 94 -26.94 37.03 20.78
CA LYS A 94 -27.54 38.12 21.52
C LYS A 94 -28.59 37.47 22.41
N ASP A 95 -28.31 37.42 23.70
CA ASP A 95 -29.10 36.61 24.67
C ASP A 95 -29.36 35.14 24.25
N ASP A 96 -30.62 34.81 24.02
CA ASP A 96 -31.08 33.46 23.72
C ASP A 96 -31.24 33.34 22.21
N SER A 97 -30.51 34.17 21.47
CA SER A 97 -30.80 34.36 20.06
C SER A 97 -29.53 34.48 19.24
N LEU A 98 -29.53 33.93 18.04
CA LEU A 98 -28.39 34.06 17.14
C LEU A 98 -28.71 35.08 16.06
N ALA A 99 -27.87 36.10 15.92
CA ALA A 99 -28.07 37.10 14.86
C ALA A 99 -27.21 36.75 13.65
N ILE A 100 -27.79 36.90 12.46
CA ILE A 100 -27.04 36.67 11.23
C ILE A 100 -27.07 37.95 10.40
N LYS A 101 -25.90 38.46 10.02
CA LYS A 101 -25.87 39.73 9.27
C LYS A 101 -25.00 39.62 8.04
N GLN A 102 -25.49 40.20 6.94
CA GLN A 102 -24.70 40.36 5.75
C GLN A 102 -25.13 41.68 5.14
N ASN A 103 -24.32 42.71 5.37
CA ASN A 103 -24.58 44.03 4.83
CA ASN A 103 -24.58 44.05 4.84
C ASN A 103 -25.97 44.56 5.20
N LYS A 104 -26.84 44.67 4.21
CA LYS A 104 -28.19 45.20 4.45
C LYS A 104 -29.16 44.15 5.05
N SER A 105 -28.77 42.88 5.01
CA SER A 105 -29.64 41.81 5.47
C SER A 105 -29.31 41.40 6.90
N SER A 106 -30.34 41.14 7.68
CA SER A 106 -30.14 40.68 9.06
C SER A 106 -31.26 39.75 9.53
N PHE A 107 -30.90 38.75 10.33
CA PHE A 107 -31.88 37.77 10.78
C PHE A 107 -31.66 37.44 12.23
N LYS A 108 -32.71 36.96 12.88
CA LYS A 108 -32.58 36.42 14.24
C LYS A 108 -33.27 35.06 14.32
N LEU A 109 -32.62 34.12 15.00
CA LEU A 109 -33.21 32.81 15.25
C LEU A 109 -32.98 32.44 16.70
N PRO A 110 -33.96 31.77 17.32
CA PRO A 110 -33.84 31.47 18.75
C PRO A 110 -32.86 30.32 18.99
N MET A 111 -32.08 30.40 20.06
CA MET A 111 -31.17 29.32 20.42
C MET A 111 -31.77 28.49 21.55
N PHE A 112 -31.39 27.22 21.66
CA PHE A 112 -31.78 26.41 22.81
C PHE A 112 -30.61 26.28 23.81
N ASP A 113 -30.90 25.75 24.99
CA ASP A 113 -29.85 25.49 25.98
C ASP A 113 -28.88 24.41 25.45
N ALA A 114 -27.66 24.81 25.15
CA ALA A 114 -26.65 23.87 24.64
C ALA A 114 -26.37 22.71 25.61
N ASP A 115 -26.75 22.86 26.87
CA ASP A 115 -26.57 21.80 27.86
C ASP A 115 -27.44 20.57 27.57
N GLU A 116 -28.48 20.76 26.76
CA GLU A 116 -29.37 19.67 26.42
C GLU A 116 -28.84 18.92 25.20
N PHE A 117 -27.91 19.53 24.48
CA PHE A 117 -27.37 18.94 23.26
C PHE A 117 -26.57 17.69 23.63
N PRO A 118 -26.79 16.59 22.90
CA PRO A 118 -26.18 15.29 23.24
C PRO A 118 -24.66 15.35 23.16
N GLU A 119 -23.98 14.63 24.05
CA GLU A 119 -22.53 14.57 24.02
C GLU A 119 -22.08 13.88 22.73
N PHE A 120 -21.13 14.49 22.02
CA PHE A 120 -20.54 13.86 20.86
C PHE A 120 -19.50 12.86 21.37
N PRO A 121 -19.66 11.58 21.02
CA PRO A 121 -18.86 10.50 21.62
C PRO A 121 -17.40 10.45 21.15
N VAL A 122 -16.51 10.01 22.03
CA VAL A 122 -15.18 9.58 21.58
C VAL A 122 -15.00 8.13 22.01
N ILE A 123 -14.25 7.39 21.21
CA ILE A 123 -14.06 5.97 21.49
C ILE A 123 -12.60 5.65 21.80
N ASP A 124 -12.40 4.52 22.48
CA ASP A 124 -11.08 3.91 22.61
C ASP A 124 -11.06 2.76 21.62
N PRO A 125 -10.48 2.98 20.44
CA PRO A 125 -10.66 2.07 19.30
C PRO A 125 -10.09 0.69 19.59
N LYS A 126 -10.75 -0.35 19.10
CA LYS A 126 -10.23 -1.71 19.19
C LYS A 126 -9.67 -2.08 17.82
N VAL A 127 -10.17 -1.38 16.81
CA VAL A 127 -9.68 -1.60 15.46
C VAL A 127 -9.63 -0.28 14.73
N SER A 128 -8.61 -0.11 13.90
CA SER A 128 -8.51 1.11 13.12
C SER A 128 -7.81 0.83 11.81
N ILE A 129 -8.26 1.52 10.77
CA ILE A 129 -7.57 1.54 9.50
C ILE A 129 -7.48 2.96 8.94
N GLU A 130 -6.47 3.17 8.11
CA GLU A 130 -6.31 4.41 7.37
C GLU A 130 -6.64 4.04 5.94
N VAL A 131 -7.55 4.80 5.33
CA VAL A 131 -8.01 4.48 3.98
C VAL A 131 -7.51 5.56 3.04
N ASN A 132 -6.50 5.24 2.23
CA ASN A 132 -5.95 6.27 1.35
C ASN A 132 -6.29 6.08 -0.12
N ALA A 133 -7.31 5.27 -0.40
CA ALA A 133 -7.76 5.01 -1.76
C ALA A 133 -9.27 4.83 -1.74
N PRO A 134 -9.93 4.92 -2.92
CA PRO A 134 -11.40 4.89 -2.88
C PRO A 134 -11.99 3.51 -2.65
N PHE A 135 -11.18 2.49 -2.40
CA PHE A 135 -11.70 1.12 -2.38
C PHE A 135 -12.85 0.84 -1.40
N LEU A 136 -12.80 1.42 -0.20
CA LEU A 136 -13.85 1.14 0.79
C LEU A 136 -15.19 1.75 0.39
N VAL A 137 -15.21 3.01 -0.02
CA VAL A 137 -16.49 3.60 -0.40
C VAL A 137 -16.99 3.02 -1.73
N ASP A 138 -16.06 2.53 -2.53
CA ASP A 138 -16.42 1.85 -3.78
C ASP A 138 -17.18 0.57 -3.41
N ALA A 139 -16.64 -0.19 -2.47
CA ALA A 139 -17.31 -1.38 -1.97
C ALA A 139 -18.68 -1.03 -1.39
N PHE A 140 -18.74 0.03 -0.59
CA PHE A 140 -19.99 0.44 0.02
C PHE A 140 -21.03 0.80 -1.05
N LYS A 141 -20.61 1.59 -2.03
CA LYS A 141 -21.57 2.03 -3.05
C LYS A 141 -22.05 0.85 -3.90
N LYS A 142 -21.18 -0.13 -4.10
CA LYS A 142 -21.51 -1.24 -5.00
C LYS A 142 -22.43 -2.23 -4.31
N ILE A 143 -22.33 -2.31 -2.99
CA ILE A 143 -23.06 -3.33 -2.24
C ILE A 143 -24.37 -2.80 -1.68
N ALA A 144 -24.42 -1.49 -1.45
CA ALA A 144 -25.61 -0.82 -0.87
C ALA A 144 -26.97 -1.27 -1.45
N PRO A 145 -27.07 -1.40 -2.79
CA PRO A 145 -28.41 -1.72 -3.33
C PRO A 145 -29.00 -3.04 -2.86
N VAL A 146 -28.17 -3.97 -2.39
CA VAL A 146 -28.73 -5.28 -2.00
C VAL A 146 -29.27 -5.24 -0.57
N ILE A 147 -28.88 -4.20 0.18
CA ILE A 147 -29.20 -4.16 1.60
C ILE A 147 -30.56 -3.51 1.88
N GLU A 148 -31.41 -4.24 2.58
CA GLU A 148 -32.68 -3.70 3.09
C GLU A 148 -32.41 -2.87 4.33
N GLN A 149 -32.64 -1.56 4.22
CA GLN A 149 -32.48 -0.65 5.34
C GLN A 149 -33.50 -0.96 6.41
N THR A 150 -34.76 -0.90 6.01
CA THR A 150 -35.88 -1.25 6.88
C THR A 150 -36.04 -2.77 7.00
N SER A 151 -34.94 -3.50 6.88
CA SER A 151 -34.97 -4.94 7.09
C SER A 151 -35.53 -5.21 8.47
N HIS A 152 -36.27 -6.29 8.57
CA HIS A 152 -36.98 -6.62 9.79
C HIS A 152 -36.06 -7.52 10.62
N LYS A 153 -35.05 -8.05 9.95
CA LYS A 153 -33.96 -8.76 10.61
C LYS A 153 -32.81 -7.80 10.87
N ARG A 154 -32.38 -7.75 12.14
CA ARG A 154 -31.49 -6.72 12.66
C ARG A 154 -30.16 -6.60 11.90
N GLU A 155 -29.40 -7.68 11.90
CA GLU A 155 -28.03 -7.68 11.38
C GLU A 155 -27.93 -7.56 9.86
N LEU A 156 -29.00 -7.94 9.16
CA LEU A 156 -29.01 -7.88 7.70
C LEU A 156 -29.40 -6.50 7.23
N ALA A 157 -29.86 -5.67 8.16
CA ALA A 157 -30.22 -4.29 7.86
C ALA A 157 -28.98 -3.40 7.77
N GLY A 158 -27.80 -4.01 7.77
CA GLY A 158 -26.57 -3.26 7.68
C GLY A 158 -25.54 -3.90 6.78
N ILE A 159 -24.40 -3.23 6.62
CA ILE A 159 -23.30 -3.79 5.85
C ILE A 159 -22.24 -4.34 6.79
N LEU A 160 -21.76 -5.55 6.48
CA LEU A 160 -20.74 -6.18 7.31
C LEU A 160 -19.34 -5.73 6.93
N MET A 161 -18.53 -5.34 7.93
CA MET A 161 -17.10 -5.14 7.74
C MET A 161 -16.38 -6.14 8.63
N GLN A 162 -15.74 -7.12 8.00
CA GLN A 162 -15.04 -8.15 8.74
C GLN A 162 -13.53 -7.95 8.61
N PHE A 163 -12.87 -7.71 9.74
CA PHE A 163 -11.44 -7.44 9.77
C PHE A 163 -10.66 -8.69 10.13
N ASP A 164 -9.73 -9.08 9.27
CA ASP A 164 -8.76 -10.14 9.60
C ASP A 164 -7.38 -9.50 9.75
N GLN A 165 -6.98 -9.26 10.99
CA GLN A 165 -5.69 -8.61 11.27
C GLN A 165 -4.52 -9.44 10.74
N LYS A 166 -4.61 -10.76 10.91
CA LYS A 166 -3.49 -11.63 10.55
C LYS A 166 -3.19 -11.58 9.07
N HIS A 167 -4.25 -11.64 8.27
CA HIS A 167 -4.10 -11.71 6.83
C HIS A 167 -4.25 -10.34 6.18
N GLN A 168 -4.48 -9.32 7.02
CA GLN A 168 -4.60 -7.94 6.55
C GLN A 168 -5.64 -7.83 5.45
N THR A 169 -6.80 -8.41 5.71
CA THR A 169 -7.89 -8.34 4.76
C THR A 169 -9.15 -7.87 5.44
N LEU A 170 -9.89 -7.02 4.73
CA LEU A 170 -11.18 -6.55 5.19
C LEU A 170 -12.22 -7.07 4.21
N SER A 171 -13.19 -7.82 4.70
CA SER A 171 -14.27 -8.29 3.85
C SER A 171 -15.50 -7.42 4.08
N VAL A 172 -16.18 -7.10 2.99
CA VAL A 172 -17.36 -6.24 3.01
C VAL A 172 -18.48 -7.02 2.36
N VAL A 173 -19.59 -7.17 3.08
CA VAL A 173 -20.69 -8.06 2.66
C VAL A 173 -22.05 -7.43 2.90
N GLY A 174 -22.93 -7.52 1.92
CA GLY A 174 -24.33 -7.17 2.13
C GLY A 174 -25.20 -8.30 1.62
N THR A 175 -26.34 -8.54 2.25
CA THR A 175 -27.29 -9.51 1.70
C THR A 175 -28.73 -9.20 2.11
N ASP A 176 -29.68 -9.65 1.30
CA ASP A 176 -31.10 -9.52 1.63
C ASP A 176 -31.80 -10.88 1.59
N THR A 177 -31.01 -11.95 1.65
CA THR A 177 -31.46 -13.35 1.59
C THR A 177 -31.82 -13.92 0.22
N LYS A 178 -32.04 -13.06 -0.78
CA LYS A 178 -32.24 -13.53 -2.15
C LYS A 178 -30.93 -13.46 -2.90
N ARG A 179 -30.07 -12.56 -2.44
CA ARG A 179 -28.80 -12.31 -3.08
C ARG A 179 -27.81 -11.82 -2.03
N LEU A 180 -26.53 -11.93 -2.37
CA LEU A 180 -25.47 -11.63 -1.42
C LEU A 180 -24.34 -11.08 -2.24
N SER A 181 -23.86 -9.90 -1.86
CA SER A 181 -22.74 -9.29 -2.57
C SER A 181 -21.61 -9.13 -1.58
N TYR A 182 -20.40 -9.41 -2.05
CA TYR A 182 -19.24 -9.37 -1.16
C TYR A 182 -18.00 -8.91 -1.89
N THR A 183 -17.00 -8.51 -1.12
CA THR A 183 -15.70 -8.24 -1.68
C THR A 183 -14.69 -8.49 -0.60
N GLN A 184 -13.49 -8.84 -1.02
CA GLN A 184 -12.40 -9.04 -0.08
C GLN A 184 -11.32 -8.03 -0.45
N LEU A 185 -11.00 -7.14 0.50
CA LEU A 185 -9.97 -6.13 0.27
C LEU A 185 -8.68 -6.56 0.95
N GLU A 186 -7.67 -6.87 0.15
CA GLU A 186 -6.43 -7.38 0.70
C GLU A 186 -5.38 -6.28 0.85
N LYS A 187 -4.30 -6.62 1.56
CA LYS A 187 -3.19 -5.69 1.79
C LYS A 187 -3.68 -4.38 2.42
N ILE A 188 -4.52 -4.54 3.43
CA ILE A 188 -5.02 -3.43 4.21
C ILE A 188 -4.28 -3.45 5.54
N SER A 189 -3.60 -2.34 5.88
CA SER A 189 -2.95 -2.25 7.17
C SER A 189 -4.02 -2.14 8.26
N ILE A 190 -4.25 -3.25 8.96
CA ILE A 190 -5.25 -3.29 10.02
C ILE A 190 -4.60 -3.26 11.39
N HIS A 191 -4.98 -2.27 12.19
CA HIS A 191 -4.56 -2.24 13.59
C HIS A 191 -5.73 -2.64 14.45
N SER A 192 -5.55 -3.69 15.25
CA SER A 192 -6.66 -4.28 15.99
C SER A 192 -6.13 -4.95 17.25
N THR A 193 -6.92 -4.91 18.31
CA THR A 193 -6.54 -5.59 19.55
C THR A 193 -6.88 -7.08 19.48
N GLU A 194 -7.86 -7.40 18.62
CA GLU A 194 -8.28 -8.77 18.41
C GLU A 194 -7.85 -9.26 17.03
N GLU A 195 -7.67 -10.57 16.88
CA GLU A 195 -7.31 -11.16 15.59
C GLU A 195 -8.44 -10.96 14.57
N ASP A 196 -9.67 -11.19 15.01
CA ASP A 196 -10.82 -10.98 14.15
C ASP A 196 -11.88 -10.13 14.85
N ILE A 197 -12.45 -9.19 14.10
CA ILE A 197 -13.48 -8.31 14.65
C ILE A 197 -14.43 -7.90 13.54
N SER A 198 -15.73 -7.92 13.85
CA SER A 198 -16.74 -7.61 12.85
C SER A 198 -17.57 -6.41 13.26
N CYS A 199 -17.71 -5.46 12.35
CA CYS A 199 -18.54 -4.29 12.58
C CYS A 199 -19.69 -4.29 11.59
N ILE A 200 -20.92 -4.15 12.08
CA ILE A 200 -22.05 -4.04 11.18
C ILE A 200 -22.59 -2.61 11.19
N LEU A 201 -22.42 -1.90 10.08
CA LEU A 201 -22.88 -0.52 9.94
C LEU A 201 -24.31 -0.48 9.39
N PRO A 202 -25.21 0.26 10.07
CA PRO A 202 -26.59 0.42 9.55
C PRO A 202 -26.60 1.05 8.16
N LYS A 203 -27.61 0.73 7.36
CA LYS A 203 -27.74 1.24 6.00
C LYS A 203 -27.72 2.77 5.96
N ARG A 204 -28.42 3.40 6.90
CA ARG A 204 -28.47 4.86 6.92
C ARG A 204 -27.07 5.44 7.03
N ALA A 205 -26.27 4.86 7.93
CA ALA A 205 -24.89 5.29 8.10
C ALA A 205 -24.13 5.10 6.80
N LEU A 206 -24.33 3.95 6.17
CA LEU A 206 -23.69 3.67 4.88
C LEU A 206 -23.98 4.80 3.89
N LEU A 207 -25.25 5.13 3.73
CA LEU A 207 -25.62 6.16 2.77
C LEU A 207 -25.05 7.53 3.13
N GLU A 208 -25.06 7.87 4.41
CA GLU A 208 -24.43 9.11 4.83
C GLU A 208 -22.92 9.12 4.55
N ILE A 209 -22.23 8.03 4.88
CA ILE A 209 -20.81 7.92 4.59
C ILE A 209 -20.50 8.22 3.13
N LEU A 210 -21.36 7.73 2.25
CA LEU A 210 -21.16 7.95 0.81
C LEU A 210 -21.22 9.44 0.44
N LYS A 211 -21.99 10.23 1.19
CA LYS A 211 -22.08 11.65 0.87
C LYS A 211 -20.87 12.43 1.41
N LEU A 212 -20.22 11.87 2.41
CA LEU A 212 -19.22 12.62 3.15
C LEU A 212 -17.80 12.27 2.74
N PHE A 213 -17.57 10.99 2.46
CA PHE A 213 -16.19 10.51 2.37
C PHE A 213 -15.91 9.83 1.05
N TYR A 214 -14.65 9.84 0.66
CA TYR A 214 -14.24 9.19 -0.58
C TYR A 214 -12.88 8.48 -0.35
N GLU A 215 -11.84 9.27 -0.11
CA GLU A 215 -10.56 8.69 0.27
C GLU A 215 -9.85 9.56 1.30
N ASN A 216 -8.73 9.05 1.81
CA ASN A 216 -7.94 9.74 2.83
C ASN A 216 -8.79 10.09 4.05
N PHE A 217 -9.26 9.05 4.73
CA PHE A 217 -9.94 9.17 6.01
C PHE A 217 -9.53 8.01 6.89
N SER A 218 -9.79 8.12 8.18
CA SER A 218 -9.54 7.00 9.07
C SER A 218 -10.87 6.36 9.42
N PHE A 219 -10.85 5.08 9.75
CA PHE A 219 -12.02 4.38 10.25
C PHE A 219 -11.60 3.70 11.52
N LYS A 220 -12.35 3.95 12.60
CA LYS A 220 -12.06 3.31 13.88
C LYS A 220 -13.33 2.81 14.54
N SER A 221 -13.19 1.75 15.32
CA SER A 221 -14.34 1.19 16.03
C SER A 221 -13.95 0.59 17.37
N ASP A 222 -14.86 0.72 18.34
CA ASP A 222 -14.64 0.10 19.64
C ASP A 222 -15.59 -1.09 19.83
N GLY A 223 -16.22 -1.50 18.74
CA GLY A 223 -17.15 -2.61 18.78
C GLY A 223 -18.55 -2.17 19.14
N MET A 224 -18.71 -0.87 19.43
CA MET A 224 -20.01 -0.31 19.78
C MET A 224 -20.39 0.81 18.83
N LEU A 225 -19.42 1.69 18.55
CA LEU A 225 -19.60 2.76 17.60
C LEU A 225 -18.51 2.63 16.54
N ALA A 226 -18.78 3.16 15.35
CA ALA A 226 -17.72 3.37 14.38
C ALA A 226 -17.56 4.87 14.16
N VAL A 227 -16.33 5.32 14.08
CA VAL A 227 -16.01 6.72 13.88
C VAL A 227 -15.16 6.89 12.64
N ILE A 228 -15.58 7.78 11.73
CA ILE A 228 -14.81 8.03 10.52
C ILE A 228 -14.38 9.48 10.49
N GLU A 229 -13.09 9.73 10.25
CA GLU A 229 -12.55 11.09 10.31
C GLU A 229 -11.67 11.45 9.12
N ASN A 230 -11.85 12.65 8.59
CA ASN A 230 -10.83 13.29 7.76
C ASN A 230 -10.56 14.69 8.31
N GLU A 231 -9.97 15.59 7.53
CA GLU A 231 -9.57 16.86 8.11
C GLU A 231 -10.78 17.73 8.49
N MET A 232 -11.84 17.66 7.67
CA MET A 232 -13.04 18.47 7.92
C MET A 232 -14.11 17.81 8.81
N HIS A 233 -14.26 16.49 8.70
CA HIS A 233 -15.39 15.83 9.34
C HIS A 233 -15.02 14.76 10.36
N THR A 234 -15.83 14.66 11.41
CA THR A 234 -15.83 13.49 12.28
C THR A 234 -17.26 12.95 12.28
N PHE A 235 -17.43 11.76 11.72
CA PHE A 235 -18.72 11.10 11.64
C PHE A 235 -18.70 9.92 12.58
N PHE A 236 -19.83 9.66 13.23
CA PHE A 236 -19.99 8.41 13.97
C PHE A 236 -21.35 7.75 13.71
N THR A 237 -21.39 6.45 13.91
CA THR A 237 -22.65 5.71 13.91
C THR A 237 -22.59 4.62 14.95
N LYS A 238 -23.73 4.38 15.59
CA LYS A 238 -23.84 3.21 16.44
C LYS A 238 -23.81 2.03 15.49
N LEU A 239 -23.26 0.91 15.96
CA LEU A 239 -23.22 -0.31 15.17
C LEU A 239 -24.46 -1.14 15.45
N ILE A 240 -24.80 -2.03 14.52
CA ILE A 240 -25.82 -3.05 14.80
C ILE A 240 -25.25 -4.20 15.61
N ASP A 241 -25.87 -4.48 16.75
CA ASP A 241 -25.43 -5.57 17.63
C ASP A 241 -25.88 -6.93 17.11
N GLY A 242 -25.03 -7.94 17.30
CA GLY A 242 -25.39 -9.29 16.95
C GLY A 242 -24.37 -9.95 16.04
N ASN A 243 -24.77 -11.08 15.46
CA ASN A 243 -23.89 -11.85 14.60
C ASN A 243 -24.40 -11.92 13.17
N TYR A 244 -23.60 -11.41 12.25
CA TYR A 244 -23.89 -11.50 10.84
C TYR A 244 -23.67 -12.95 10.44
N PRO A 245 -24.57 -13.51 9.62
CA PRO A 245 -24.41 -14.91 9.20
C PRO A 245 -23.09 -15.10 8.44
N ASP A 246 -22.43 -16.25 8.60
CA ASP A 246 -21.22 -16.46 7.81
C ASP A 246 -21.57 -16.71 6.34
N TYR A 247 -21.22 -15.75 5.50
CA TYR A 247 -21.54 -15.83 4.09
C TYR A 247 -20.71 -16.91 3.39
N GLN A 248 -19.56 -17.25 3.98
CA GLN A 248 -18.66 -18.23 3.36
C GLN A 248 -19.31 -19.60 3.26
N LYS A 249 -20.14 -19.93 4.23
CA LYS A 249 -20.78 -21.24 4.31
C LYS A 249 -21.86 -21.45 3.24
N ILE A 250 -22.28 -20.36 2.61
CA ILE A 250 -23.35 -20.39 1.61
C ILE A 250 -22.81 -20.36 0.19
N LEU A 251 -21.59 -19.86 0.02
CA LEU A 251 -20.93 -19.86 -1.29
C LEU A 251 -20.66 -21.29 -1.72
N PRO A 252 -21.04 -21.61 -2.97
CA PRO A 252 -20.71 -22.93 -3.53
C PRO A 252 -19.20 -23.07 -3.63
N LYS A 253 -18.69 -24.29 -3.49
CA LYS A 253 -17.25 -24.49 -3.49
C LYS A 253 -16.70 -24.39 -4.90
N GLU A 254 -17.40 -25.03 -5.83
CA GLU A 254 -17.01 -25.01 -7.24
C GLU A 254 -18.21 -24.70 -8.10
N TYR A 255 -17.95 -24.33 -9.36
CA TYR A 255 -19.01 -24.19 -10.33
C TYR A 255 -18.76 -25.08 -11.54
N ILE A 256 -19.80 -25.79 -11.95
CA ILE A 256 -19.73 -26.66 -13.13
C ILE A 256 -19.36 -25.84 -14.36
N SER A 257 -20.07 -24.74 -14.56
CA SER A 257 -19.88 -23.90 -15.74
C SER A 257 -19.58 -22.43 -15.40
N SER A 258 -18.64 -21.85 -16.15
CA SER A 258 -18.33 -20.43 -16.06
C SER A 258 -18.30 -19.78 -17.45
N PHE A 259 -19.18 -18.82 -17.69
CA PHE A 259 -19.24 -18.14 -18.99
C PHE A 259 -18.75 -16.70 -18.92
N THR A 260 -17.88 -16.32 -19.85
CA THR A 260 -17.44 -14.92 -19.95
C THR A 260 -18.35 -14.22 -20.97
N LEU A 261 -19.10 -13.23 -20.53
CA LEU A 261 -20.19 -12.63 -21.31
C LEU A 261 -20.08 -11.10 -21.36
N GLY A 262 -20.79 -10.47 -22.29
CA GLY A 262 -20.71 -9.03 -22.46
C GLY A 262 -21.61 -8.28 -21.50
N LYS A 263 -21.03 -7.39 -20.69
CA LYS A 263 -21.80 -6.72 -19.64
C LYS A 263 -22.90 -5.82 -20.20
N GLU A 264 -22.52 -4.88 -21.08
CA GLU A 264 -23.47 -3.90 -21.58
C GLU A 264 -24.53 -4.53 -22.48
N GLU A 265 -24.15 -5.55 -23.26
CA GLU A 265 -25.15 -6.26 -24.05
C GLU A 265 -26.17 -6.95 -23.16
N PHE A 266 -25.71 -7.59 -22.10
CA PHE A 266 -26.64 -8.20 -21.16
C PHE A 266 -27.53 -7.16 -20.44
N LYS A 267 -26.97 -6.04 -20.00
CA LYS A 267 -27.77 -4.98 -19.39
C LYS A 267 -28.87 -4.55 -20.36
N GLU A 268 -28.48 -4.31 -21.60
CA GLU A 268 -29.40 -3.77 -22.60
C GLU A 268 -30.52 -4.78 -22.88
N SER A 269 -30.15 -6.05 -22.97
CA SER A 269 -31.10 -7.11 -23.29
C SER A 269 -32.07 -7.36 -22.14
N ILE A 270 -31.55 -7.35 -20.92
CA ILE A 270 -32.35 -7.55 -19.72
C ILE A 270 -33.34 -6.41 -19.49
N LYS A 271 -32.88 -5.17 -19.65
CA LYS A 271 -33.78 -4.02 -19.56
C LYS A 271 -34.90 -4.14 -20.58
N LEU A 272 -34.53 -4.57 -21.78
CA LEU A 272 -35.47 -4.72 -22.88
C LEU A 272 -36.62 -5.66 -22.52
N CYS A 273 -36.30 -6.83 -21.94
CA CYS A 273 -37.36 -7.79 -21.58
C CYS A 273 -38.08 -7.33 -20.32
N SER A 274 -37.39 -6.53 -19.51
CA SER A 274 -37.94 -6.00 -18.26
C SER A 274 -39.08 -5.05 -18.48
N SER A 275 -39.27 -4.64 -19.73
CA SER A 275 -40.36 -3.74 -20.04
C SER A 275 -41.69 -4.45 -19.78
N LEU A 276 -41.67 -5.78 -19.88
CA LEU A 276 -42.91 -6.56 -19.77
C LEU A 276 -42.92 -7.59 -18.62
N SER A 277 -41.82 -7.72 -17.89
CA SER A 277 -41.72 -8.75 -16.86
C SER A 277 -40.70 -8.38 -15.78
N SER A 278 -40.72 -9.08 -14.65
CA SER A 278 -39.71 -8.86 -13.61
C SER A 278 -38.73 -10.02 -13.58
N THR A 279 -39.13 -11.13 -14.20
CA THR A 279 -38.25 -12.29 -14.34
C THR A 279 -38.04 -12.64 -15.81
N ILE A 280 -36.88 -13.22 -16.08
CA ILE A 280 -36.44 -13.46 -17.44
C ILE A 280 -35.89 -14.87 -17.58
N LYS A 281 -36.24 -15.54 -18.67
CA LYS A 281 -35.60 -16.81 -19.00
C LYS A 281 -34.38 -16.57 -19.90
N LEU A 282 -33.20 -16.87 -19.38
CA LEU A 282 -31.94 -16.74 -20.13
C LEU A 282 -31.56 -18.08 -20.74
N THR A 283 -31.31 -18.10 -22.04
CA THR A 283 -30.89 -19.33 -22.68
C THR A 283 -29.52 -19.16 -23.29
N LEU A 284 -28.54 -19.91 -22.78
CA LEU A 284 -27.19 -19.84 -23.31
C LEU A 284 -26.92 -20.98 -24.29
N GLU A 285 -26.45 -20.63 -25.49
CA GLU A 285 -26.01 -21.59 -26.49
C GLU A 285 -24.57 -21.27 -26.82
N LYS A 286 -23.98 -22.05 -27.72
CA LYS A 286 -22.55 -21.88 -27.98
C LYS A 286 -22.19 -20.49 -28.49
N ASN A 287 -23.01 -19.96 -29.41
CA ASN A 287 -22.72 -18.64 -29.96
C ASN A 287 -23.90 -17.70 -29.87
N ASN A 288 -24.78 -17.92 -28.90
CA ASN A 288 -25.96 -17.07 -28.75
C ASN A 288 -26.47 -16.99 -27.32
N ALA A 289 -26.99 -15.83 -26.95
CA ALA A 289 -27.65 -15.67 -25.65
C ALA A 289 -29.04 -15.21 -25.96
N LEU A 290 -30.04 -15.95 -25.47
CA LEU A 290 -31.43 -15.64 -25.77
C LEU A 290 -32.09 -15.12 -24.49
N PHE A 291 -32.94 -14.11 -24.61
CA PHE A 291 -33.62 -13.57 -23.45
C PHE A 291 -35.12 -13.55 -23.70
N GLU A 292 -35.91 -14.10 -22.78
CA GLU A 292 -37.37 -14.12 -22.93
C GLU A 292 -38.05 -13.70 -21.63
N SER A 293 -39.08 -12.87 -21.75
CA SER A 293 -39.85 -12.47 -20.58
C SER A 293 -40.49 -13.71 -19.97
N LEU A 294 -40.52 -13.78 -18.64
CA LEU A 294 -40.96 -14.99 -17.96
C LEU A 294 -42.28 -14.81 -17.19
N ASP A 295 -42.34 -13.79 -16.35
CA ASP A 295 -43.57 -13.57 -15.56
C ASP A 295 -44.42 -12.45 -16.15
N SER A 296 -44.37 -12.34 -17.48
CA SER A 296 -45.18 -11.38 -18.22
C SER A 296 -46.62 -11.85 -18.24
N GLU A 297 -47.55 -10.89 -18.30
CA GLU A 297 -48.97 -11.18 -18.42
C GLU A 297 -49.24 -12.06 -19.63
N HIS A 298 -50.35 -12.80 -19.59
CA HIS A 298 -50.76 -13.58 -20.74
C HIS A 298 -50.96 -12.62 -21.91
N SER A 299 -50.52 -13.05 -23.10
CA SER A 299 -50.58 -12.25 -24.33
C SER A 299 -49.51 -11.15 -24.45
N GLU A 300 -48.66 -11.00 -23.43
CA GLU A 300 -47.56 -10.05 -23.54
C GLU A 300 -46.27 -10.82 -23.54
N THR A 301 -45.45 -10.65 -24.58
CA THR A 301 -44.14 -11.32 -24.64
C THR A 301 -43.04 -10.40 -25.15
N ALA A 302 -41.82 -10.64 -24.68
CA ALA A 302 -40.63 -9.89 -25.08
C ALA A 302 -39.53 -10.91 -25.29
N LYS A 303 -38.87 -10.86 -26.45
CA LYS A 303 -37.72 -11.72 -26.69
C LYS A 303 -36.62 -10.90 -27.33
N THR A 304 -35.38 -11.28 -27.06
CA THR A 304 -34.25 -10.76 -27.83
C THR A 304 -33.08 -11.72 -27.70
N SER A 305 -32.09 -11.54 -28.57
CA SER A 305 -30.90 -12.35 -28.48
C SER A 305 -29.68 -11.56 -28.87
N VAL A 306 -28.53 -12.10 -28.48
CA VAL A 306 -27.25 -11.48 -28.72
C VAL A 306 -26.30 -12.58 -29.23
N GLU A 307 -25.56 -12.27 -30.28
CA GLU A 307 -24.57 -13.22 -30.78
C GLU A 307 -23.39 -13.27 -29.82
N ILE A 308 -22.87 -14.46 -29.55
CA ILE A 308 -21.64 -14.62 -28.77
C ILE A 308 -20.51 -15.09 -29.68
N GLU A 309 -19.59 -14.18 -30.02
CA GLU A 309 -18.56 -14.49 -31.00
C GLU A 309 -17.56 -15.52 -30.50
N LYS A 310 -17.13 -15.39 -29.24
CA LYS A 310 -16.18 -16.34 -28.65
C LYS A 310 -16.97 -17.47 -27.98
N GLY A 311 -17.12 -18.57 -28.72
CA GLY A 311 -18.01 -19.67 -28.33
C GLY A 311 -17.94 -20.11 -26.89
N LEU A 312 -19.10 -20.31 -26.29
CA LEU A 312 -19.17 -20.81 -24.92
C LEU A 312 -18.93 -22.33 -24.90
N ASP A 313 -18.28 -22.84 -23.86
CA ASP A 313 -18.14 -24.29 -23.70
C ASP A 313 -19.49 -24.91 -23.31
N ILE A 314 -20.34 -25.07 -24.31
CA ILE A 314 -21.72 -25.53 -24.15
C ILE A 314 -22.04 -26.50 -25.28
N GLU A 315 -22.42 -27.72 -24.93
CA GLU A 315 -22.72 -28.73 -25.95
C GLU A 315 -24.21 -28.86 -26.17
N LYS A 316 -24.97 -28.07 -25.43
CA LYS A 316 -26.43 -28.07 -25.50
C LYS A 316 -26.95 -26.91 -24.65
N ALA A 317 -28.01 -26.27 -25.10
CA ALA A 317 -28.53 -25.04 -24.47
C ALA A 317 -28.66 -25.12 -22.93
N PHE A 318 -28.18 -24.07 -22.27
CA PHE A 318 -28.31 -23.94 -20.82
C PHE A 318 -29.43 -22.92 -20.53
N HIS A 319 -30.42 -23.32 -19.75
CA HIS A 319 -31.54 -22.44 -19.44
C HIS A 319 -31.48 -21.99 -17.98
N LEU A 320 -31.62 -20.68 -17.76
CA LEU A 320 -31.54 -20.12 -16.41
C LEU A 320 -32.63 -19.05 -16.17
N GLY A 321 -33.46 -19.25 -15.14
CA GLY A 321 -34.47 -18.28 -14.78
C GLY A 321 -33.89 -17.25 -13.82
N VAL A 322 -33.99 -15.97 -14.15
CA VAL A 322 -33.38 -14.92 -13.33
C VAL A 322 -34.30 -13.75 -12.98
N ASN A 323 -34.05 -13.14 -11.83
CA ASN A 323 -34.69 -11.89 -11.45
C ASN A 323 -33.97 -10.77 -12.20
N ALA A 324 -34.73 -10.00 -12.98
CA ALA A 324 -34.13 -9.02 -13.88
C ALA A 324 -33.42 -7.92 -13.11
N LYS A 325 -34.12 -7.34 -12.15
CA LYS A 325 -33.53 -6.28 -11.31
C LYS A 325 -32.27 -6.76 -10.59
N PHE A 326 -32.29 -7.97 -10.03
CA PHE A 326 -31.08 -8.43 -9.32
C PHE A 326 -29.93 -8.58 -10.29
N PHE A 327 -30.21 -9.18 -11.44
CA PHE A 327 -29.16 -9.41 -12.43
C PHE A 327 -28.58 -8.08 -12.86
N LEU A 328 -29.45 -7.12 -13.12
CA LEU A 328 -28.98 -5.80 -13.54
C LEU A 328 -28.13 -5.16 -12.46
N GLU A 329 -28.59 -5.23 -11.22
CA GLU A 329 -27.82 -4.62 -10.15
C GLU A 329 -26.47 -5.30 -9.98
N ALA A 330 -26.42 -6.61 -10.16
CA ALA A 330 -25.13 -7.31 -10.08
C ALA A 330 -24.17 -6.83 -11.16
N LEU A 331 -24.71 -6.53 -12.34
CA LEU A 331 -23.86 -6.05 -13.44
C LEU A 331 -23.41 -4.61 -13.18
N ASN A 332 -24.33 -3.78 -12.65
CA ASN A 332 -23.99 -2.40 -12.29
C ASN A 332 -22.80 -2.31 -11.32
N ALA A 333 -22.66 -3.33 -10.48
CA ALA A 333 -21.60 -3.33 -9.48
C ALA A 333 -20.22 -3.71 -10.03
N LEU A 334 -20.15 -4.05 -11.32
CA LEU A 334 -18.90 -4.51 -11.95
C LEU A 334 -18.19 -3.41 -12.71
N GLY A 335 -16.85 -3.38 -12.60
CA GLY A 335 -16.08 -2.36 -13.29
C GLY A 335 -15.47 -2.76 -14.63
N THR A 336 -15.74 -3.98 -15.09
CA THR A 336 -15.10 -4.48 -16.32
C THR A 336 -16.12 -4.54 -17.45
N THR A 337 -15.65 -4.59 -18.69
CA THR A 337 -16.55 -4.60 -19.86
C THR A 337 -17.20 -5.96 -20.05
N GLN A 338 -16.59 -6.99 -19.47
CA GLN A 338 -17.13 -8.34 -19.53
C GLN A 338 -17.38 -8.84 -18.13
N PHE A 339 -18.22 -9.85 -18.00
CA PHE A 339 -18.46 -10.45 -16.71
C PHE A 339 -18.42 -11.96 -16.82
N VAL A 340 -18.26 -12.61 -15.68
CA VAL A 340 -18.29 -14.05 -15.64
C VAL A 340 -19.51 -14.50 -14.89
N LEU A 341 -20.27 -15.39 -15.51
CA LEU A 341 -21.43 -15.98 -14.89
C LEU A 341 -21.07 -17.41 -14.53
N ARG A 342 -21.05 -17.73 -13.24
CA ARG A 342 -20.71 -19.09 -12.80
C ARG A 342 -21.94 -19.81 -12.29
N CYS A 343 -22.18 -21.02 -12.82
CA CYS A 343 -23.41 -21.74 -12.52
C CYS A 343 -23.15 -23.21 -12.20
N ASN A 344 -24.07 -23.80 -11.46
CA ASN A 344 -24.18 -25.24 -11.35
C ASN A 344 -25.52 -25.63 -11.97
N GLU A 345 -26.37 -26.29 -11.21
CA GLU A 345 -27.71 -26.62 -11.69
C GLU A 345 -28.58 -25.35 -11.82
N PRO A 346 -29.55 -25.36 -12.74
CA PRO A 346 -30.42 -24.19 -12.97
C PRO A 346 -31.23 -23.82 -11.75
N SER A 347 -31.40 -24.78 -10.82
CA SER A 347 -32.14 -24.52 -9.58
C SER A 347 -31.20 -24.07 -8.47
N SER A 348 -29.90 -24.03 -8.77
CA SER A 348 -28.87 -23.68 -7.81
C SER A 348 -28.43 -22.22 -7.92
N PRO A 349 -28.01 -21.63 -6.80
CA PRO A 349 -27.46 -20.26 -6.77
C PRO A 349 -26.35 -20.08 -7.80
N PHE A 350 -26.30 -18.92 -8.44
CA PHE A 350 -25.24 -18.64 -9.38
C PHE A 350 -24.54 -17.34 -9.04
N LEU A 351 -23.36 -17.16 -9.61
CA LEU A 351 -22.48 -16.06 -9.22
C LEU A 351 -22.25 -15.14 -10.40
N ILE A 352 -22.22 -13.84 -10.14
CA ILE A 352 -21.81 -12.86 -11.15
C ILE A 352 -20.62 -12.09 -10.62
N GLN A 353 -19.56 -12.00 -11.41
CA GLN A 353 -18.38 -11.27 -10.96
C GLN A 353 -17.62 -10.69 -12.14
N GLU A 354 -16.64 -9.83 -11.86
CA GLU A 354 -15.88 -9.21 -12.92
C GLU A 354 -15.09 -10.28 -13.65
N SER A 355 -14.74 -9.98 -14.90
CA SER A 355 -13.75 -10.76 -15.60
C SER A 355 -12.44 -10.49 -14.86
N LEU A 356 -11.58 -11.50 -14.75
CA LEU A 356 -10.29 -11.34 -14.04
C LEU A 356 -10.47 -10.84 -12.59
N ASP A 357 -11.52 -11.32 -11.91
CA ASP A 357 -11.77 -10.94 -10.51
C ASP A 357 -10.55 -11.25 -9.65
N GLU A 358 -9.85 -12.33 -10.00
CA GLU A 358 -8.70 -12.79 -9.24
C GLU A 358 -7.51 -11.83 -9.34
N LYS A 359 -7.53 -10.96 -10.35
CA LYS A 359 -6.41 -10.04 -10.55
C LYS A 359 -6.38 -8.94 -9.47
N GLN A 360 -5.19 -8.65 -8.98
CA GLN A 360 -5.01 -7.68 -7.90
C GLN A 360 -5.33 -6.24 -8.34
N SER A 361 -6.09 -5.53 -7.52
CA SER A 361 -6.43 -4.13 -7.81
C SER A 361 -6.21 -3.22 -6.60
N HIS A 362 -5.69 -2.01 -6.87
CA HIS A 362 -5.34 -1.06 -5.82
C HIS A 362 -6.51 -0.16 -5.41
N LEU A 363 -7.07 0.54 -6.39
CA LEU A 363 -7.94 1.68 -6.16
C LEU A 363 -9.40 1.31 -5.95
N ASN A 364 -9.76 0.11 -6.40
CA ASN A 364 -11.15 -0.27 -6.57
C ASN A 364 -11.49 -1.57 -5.84
N ALA A 365 -12.76 -1.72 -5.49
CA ALA A 365 -13.22 -2.98 -4.93
C ALA A 365 -13.79 -3.81 -6.07
N LYS A 366 -13.60 -5.13 -6.05
CA LYS A 366 -14.28 -6.00 -7.01
C LYS A 366 -15.36 -6.81 -6.31
N ILE A 367 -16.60 -6.51 -6.64
CA ILE A 367 -17.75 -7.09 -5.97
C ILE A 367 -18.25 -8.29 -6.78
N SER A 368 -18.60 -9.36 -6.09
CA SER A 368 -19.21 -10.53 -6.71
C SER A 368 -20.58 -10.65 -6.12
N THR A 369 -21.55 -11.10 -6.91
CA THR A 369 -22.89 -11.29 -6.39
C THR A 369 -23.38 -12.72 -6.60
N LEU A 370 -23.86 -13.32 -5.52
CA LEU A 370 -24.45 -14.66 -5.58
C LEU A 370 -25.96 -14.52 -5.52
N MET A 371 -26.67 -15.17 -6.45
CA MET A 371 -28.12 -15.00 -6.58
C MET A 371 -28.85 -16.34 -6.68
N MET A 372 -30.05 -16.40 -6.10
CA MET A 372 -30.94 -17.53 -6.27
C MET A 372 -31.66 -17.38 -7.61
N PRO A 373 -31.71 -18.46 -8.42
CA PRO A 373 -32.42 -18.40 -9.71
C PRO A 373 -33.92 -18.56 -9.52
N ILE A 374 -34.68 -18.28 -10.58
CA ILE A 374 -36.12 -18.53 -10.62
C ILE A 374 -36.33 -19.91 -11.27
N THR A 375 -37.27 -20.70 -10.76
CA THR A 375 -37.55 -22.02 -11.32
C THR A 375 -38.18 -21.90 -12.71
N LEU A 376 -37.77 -22.79 -13.62
CA LEU A 376 -38.21 -22.80 -15.03
C LEU A 376 -37.61 -21.67 -15.88
N MET B 3 20.98 -34.57 -21.57
CA MET B 3 21.97 -33.49 -21.65
C MET B 3 23.38 -34.04 -21.81
N LYS B 4 24.19 -33.38 -22.63
CA LYS B 4 25.60 -33.74 -22.71
C LYS B 4 26.40 -32.57 -23.28
N ILE B 5 27.27 -32.01 -22.44
CA ILE B 5 28.07 -30.85 -22.79
C ILE B 5 29.45 -30.91 -22.13
N SER B 6 30.36 -30.03 -22.54
CA SER B 6 31.57 -29.80 -21.77
C SER B 6 31.65 -28.31 -21.50
N VAL B 7 32.14 -27.93 -20.33
CA VAL B 7 32.27 -26.53 -19.96
C VAL B 7 33.63 -26.24 -19.33
N SER B 8 33.96 -24.96 -19.25
CA SER B 8 35.16 -24.52 -18.57
C SER B 8 34.97 -24.62 -17.05
N LYS B 9 35.93 -25.22 -16.37
CA LYS B 9 35.87 -25.37 -14.92
C LYS B 9 35.67 -24.03 -14.21
N ASN B 10 36.44 -23.02 -14.63
CA ASN B 10 36.37 -21.75 -13.95
C ASN B 10 35.08 -20.97 -14.21
N ASP B 11 34.58 -21.04 -15.44
CA ASP B 11 33.29 -20.46 -15.77
C ASP B 11 32.20 -21.10 -14.91
N LEU B 12 32.25 -22.42 -14.83
CA LEU B 12 31.24 -23.17 -14.09
C LEU B 12 31.33 -22.84 -12.60
N GLU B 13 32.53 -22.91 -12.04
CA GLU B 13 32.71 -22.65 -10.61
C GLU B 13 32.20 -21.26 -10.26
N ASN B 14 32.55 -20.27 -11.06
CA ASN B 14 32.08 -18.91 -10.84
C ASN B 14 30.55 -18.81 -10.87
N ALA B 15 29.94 -19.41 -11.89
CA ALA B 15 28.48 -19.40 -11.97
C ALA B 15 27.88 -20.03 -10.72
N LEU B 16 28.46 -21.15 -10.29
CA LEU B 16 27.95 -21.84 -9.10
C LEU B 16 28.11 -21.03 -7.83
N ARG B 17 29.20 -20.28 -7.74
CA ARG B 17 29.41 -19.48 -6.53
C ARG B 17 28.31 -18.44 -6.34
N TYR B 18 27.95 -17.77 -7.44
CA TYR B 18 26.91 -16.75 -7.39
C TYR B 18 25.57 -17.34 -6.98
N LEU B 19 25.34 -18.58 -7.39
CA LEU B 19 24.04 -19.22 -7.21
C LEU B 19 23.79 -19.72 -5.79
N GLN B 20 24.85 -19.84 -4.99
CA GLN B 20 24.72 -20.46 -3.67
C GLN B 20 23.75 -19.70 -2.78
N ALA B 21 23.74 -18.37 -2.92
CA ALA B 21 22.94 -17.55 -2.01
C ALA B 21 21.45 -17.70 -2.25
N PHE B 22 21.09 -18.37 -3.35
CA PHE B 22 19.68 -18.51 -3.74
C PHE B 22 19.16 -19.92 -3.50
N LEU B 23 19.92 -20.71 -2.76
CA LEU B 23 19.53 -22.08 -2.42
C LEU B 23 19.25 -22.19 -0.95
N ASP B 24 18.26 -23.00 -0.59
CA ASP B 24 18.10 -23.39 0.79
C ASP B 24 18.90 -24.67 0.94
N LYS B 25 20.07 -24.56 1.54
CA LYS B 25 21.08 -25.62 1.42
C LYS B 25 21.01 -26.72 2.46
N LYS B 26 20.30 -26.48 3.57
CA LYS B 26 20.37 -27.40 4.72
C LYS B 26 19.66 -28.72 4.50
N ASP B 27 18.56 -28.69 3.75
CA ASP B 27 17.83 -29.92 3.45
C ASP B 27 18.08 -30.29 1.99
N ALA B 28 19.01 -31.20 1.76
CA ALA B 28 19.39 -31.56 0.40
C ALA B 28 18.33 -32.39 -0.28
N SER B 29 17.38 -32.90 0.49
CA SER B 29 16.31 -33.74 -0.11
C SER B 29 15.22 -32.87 -0.75
N SER B 30 15.32 -31.56 -0.57
CA SER B 30 14.33 -30.63 -1.15
C SER B 30 14.82 -29.97 -2.42
N ILE B 31 13.93 -29.79 -3.39
CA ILE B 31 14.33 -29.19 -4.65
C ILE B 31 14.80 -27.74 -4.45
N ALA B 32 14.48 -27.16 -3.29
CA ALA B 32 14.95 -25.79 -3.01
C ALA B 32 16.47 -25.74 -2.85
N SER B 33 17.09 -26.91 -2.64
CA SER B 33 18.55 -27.00 -2.53
C SER B 33 19.18 -27.22 -3.91
N HIS B 34 18.34 -27.22 -4.94
CA HIS B 34 18.77 -27.60 -6.28
C HIS B 34 18.87 -26.45 -7.27
N ILE B 35 19.79 -26.61 -8.22
CA ILE B 35 19.93 -25.68 -9.33
C ILE B 35 19.34 -26.34 -10.57
N HIS B 36 18.53 -25.59 -11.32
CA HIS B 36 17.95 -26.07 -12.58
C HIS B 36 18.97 -25.82 -13.69
N LEU B 37 19.17 -26.82 -14.54
CA LEU B 37 20.14 -26.71 -15.62
C LEU B 37 19.40 -26.83 -16.94
N GLU B 38 19.79 -26.03 -17.93
CA GLU B 38 19.20 -26.16 -19.26
C GLU B 38 20.23 -25.87 -20.33
N VAL B 39 20.42 -26.82 -21.25
CA VAL B 39 21.32 -26.59 -22.37
C VAL B 39 20.49 -26.18 -23.57
N ILE B 40 20.78 -24.99 -24.10
CA ILE B 40 20.11 -24.46 -25.27
C ILE B 40 21.16 -23.94 -26.24
N LYS B 41 21.34 -24.61 -27.37
CA LYS B 41 22.38 -24.26 -28.33
C LYS B 41 23.76 -24.22 -27.68
N GLU B 42 24.42 -23.08 -27.75
CA GLU B 42 25.78 -22.96 -27.24
C GLU B 42 25.84 -22.46 -25.79
N LYS B 43 24.73 -22.47 -25.07
CA LYS B 43 24.69 -21.97 -23.69
C LYS B 43 24.22 -23.04 -22.69
N LEU B 44 24.78 -22.98 -21.48
CA LEU B 44 24.20 -23.69 -20.33
C LEU B 44 23.62 -22.64 -19.38
N PHE B 45 22.33 -22.74 -19.12
CA PHE B 45 21.68 -21.85 -18.17
C PHE B 45 21.55 -22.55 -16.85
N LEU B 46 21.85 -21.82 -15.79
CA LEU B 46 21.80 -22.35 -14.44
C LEU B 46 20.89 -21.41 -13.66
N LYS B 47 19.90 -21.94 -12.96
CA LYS B 47 19.04 -21.04 -12.21
C LYS B 47 18.58 -21.58 -10.87
N ALA B 48 18.46 -20.67 -9.92
CA ALA B 48 18.04 -20.99 -8.56
C ALA B 48 17.08 -19.90 -8.12
N SER B 49 15.85 -20.28 -7.80
CA SER B 49 14.82 -19.30 -7.45
C SER B 49 13.73 -19.91 -6.57
N ASP B 50 13.01 -19.04 -5.87
CA ASP B 50 11.76 -19.44 -5.27
C ASP B 50 10.72 -18.37 -5.59
N SER B 51 9.64 -18.34 -4.83
CA SER B 51 8.59 -17.33 -5.03
C SER B 51 9.10 -15.91 -4.76
N ASP B 52 10.10 -15.79 -3.90
CA ASP B 52 10.51 -14.48 -3.37
C ASP B 52 11.70 -13.84 -4.12
N ILE B 53 12.61 -14.68 -4.62
CA ILE B 53 13.85 -14.17 -5.19
C ILE B 53 14.49 -15.22 -6.07
N GLY B 54 15.34 -14.82 -7.01
CA GLY B 54 15.95 -15.79 -7.90
C GLY B 54 17.00 -15.22 -8.81
N LEU B 55 17.85 -16.10 -9.30
CA LEU B 55 18.94 -15.73 -10.20
C LEU B 55 18.98 -16.73 -11.34
N LYS B 56 19.06 -16.23 -12.57
CA LYS B 56 19.28 -17.09 -13.73
C LYS B 56 20.53 -16.59 -14.45
N SER B 57 21.47 -17.50 -14.68
CA SER B 57 22.74 -17.14 -15.32
C SER B 57 23.01 -18.10 -16.46
N TYR B 58 23.98 -17.75 -17.31
CA TYR B 58 24.46 -18.70 -18.31
C TYR B 58 25.98 -18.69 -18.41
N ILE B 59 26.54 -19.83 -18.82
CA ILE B 59 27.89 -19.85 -19.35
C ILE B 59 27.84 -20.47 -20.74
N PHE B 60 28.82 -20.14 -21.58
CA PHE B 60 28.92 -20.75 -22.90
C PHE B 60 29.48 -22.15 -22.73
N THR B 61 29.00 -23.09 -23.53
CA THR B 61 29.56 -24.44 -23.52
C THR B 61 30.79 -24.53 -24.41
N GLN B 62 31.74 -25.37 -24.03
CA GLN B 62 32.91 -25.64 -24.86
C GLN B 62 32.52 -26.57 -26.00
N SER B 63 31.60 -27.48 -25.70
CA SER B 63 31.00 -28.33 -26.72
C SER B 63 29.61 -28.70 -26.26
N SER B 64 28.78 -29.12 -27.21
CA SER B 64 27.39 -29.45 -26.93
C SER B 64 27.00 -30.60 -27.85
N ASP B 65 26.61 -31.72 -27.27
CA ASP B 65 26.27 -32.91 -28.04
C ASP B 65 24.78 -33.19 -27.95
N LYS B 66 24.18 -32.74 -26.85
CA LYS B 66 22.81 -33.09 -26.56
C LYS B 66 22.16 -32.03 -25.67
N GLU B 67 21.06 -31.45 -26.16
CA GLU B 67 20.34 -30.41 -25.43
C GLU B 67 19.26 -31.00 -24.54
N GLY B 68 18.97 -30.35 -23.42
CA GLY B 68 17.98 -30.83 -22.47
C GLY B 68 18.06 -30.13 -21.13
N VAL B 69 17.23 -30.59 -20.18
CA VAL B 69 17.15 -29.98 -18.86
C VAL B 69 17.41 -31.01 -17.76
N GLY B 70 17.77 -30.54 -16.56
CA GLY B 70 17.99 -31.38 -15.40
C GLY B 70 18.10 -30.53 -14.14
N THR B 71 18.32 -31.15 -12.99
CA THR B 71 18.56 -30.38 -11.75
C THR B 71 19.67 -31.06 -10.96
N ILE B 72 20.26 -30.33 -10.01
CA ILE B 72 21.36 -30.88 -9.22
C ILE B 72 21.50 -30.07 -7.96
N ASN B 73 21.85 -30.74 -6.86
CA ASN B 73 22.11 -30.06 -5.60
C ASN B 73 23.24 -29.06 -5.78
N GLY B 74 22.95 -27.79 -5.56
CA GLY B 74 23.89 -26.71 -5.87
C GLY B 74 25.12 -26.69 -4.96
N LYS B 75 24.93 -27.04 -3.69
CA LYS B 75 26.08 -27.02 -2.77
C LYS B 75 27.07 -28.14 -3.07
N LYS B 76 26.56 -29.35 -3.28
CA LYS B 76 27.41 -30.48 -3.64
C LYS B 76 28.10 -30.24 -4.97
N PHE B 77 27.37 -29.70 -5.93
CA PHE B 77 27.88 -29.43 -7.27
C PHE B 77 29.10 -28.52 -7.15
N LEU B 78 28.96 -27.44 -6.37
CA LEU B 78 30.08 -26.50 -6.23
C LEU B 78 31.22 -27.15 -5.43
N ASP B 79 30.88 -27.91 -4.38
CA ASP B 79 31.92 -28.57 -3.59
C ASP B 79 32.78 -29.46 -4.48
N ILE B 80 32.13 -30.17 -5.39
CA ILE B 80 32.85 -31.02 -6.34
C ILE B 80 33.71 -30.22 -7.32
N ILE B 81 33.08 -29.27 -8.02
CA ILE B 81 33.79 -28.50 -9.04
C ILE B 81 35.01 -27.78 -8.44
N SER B 82 34.87 -27.27 -7.23
CA SER B 82 35.94 -26.47 -6.64
C SER B 82 37.18 -27.32 -6.33
N CYS B 83 37.00 -28.64 -6.26
CA CYS B 83 38.12 -29.54 -5.97
C CYS B 83 38.73 -30.16 -7.22
N LEU B 84 38.26 -29.73 -8.39
CA LEU B 84 38.72 -30.33 -9.65
C LEU B 84 39.91 -29.58 -10.23
N LYS B 85 40.47 -30.10 -11.32
CA LYS B 85 41.59 -29.44 -11.97
C LYS B 85 41.07 -28.30 -12.84
N ASP B 86 41.97 -27.47 -13.34
CA ASP B 86 41.60 -26.43 -14.28
C ASP B 86 41.67 -26.96 -15.71
N SER B 87 40.83 -27.95 -15.98
CA SER B 87 40.61 -28.45 -17.34
C SER B 87 39.11 -28.62 -17.55
N ASN B 88 38.67 -28.73 -18.80
CA ASN B 88 37.25 -28.78 -19.10
C ASN B 88 36.50 -29.91 -18.40
N ILE B 89 35.23 -29.67 -18.09
CA ILE B 89 34.41 -30.63 -17.36
C ILE B 89 33.24 -31.13 -18.21
N ILE B 90 33.03 -32.43 -18.20
CA ILE B 90 31.92 -33.03 -18.94
C ILE B 90 30.71 -33.20 -18.04
N LEU B 91 29.55 -32.69 -18.48
CA LEU B 91 28.31 -32.89 -17.74
C LEU B 91 27.35 -33.69 -18.61
N GLU B 92 26.89 -34.83 -18.11
CA GLU B 92 26.05 -35.71 -18.92
C GLU B 92 25.00 -36.38 -18.06
N THR B 93 23.74 -36.28 -18.48
CA THR B 93 22.67 -36.94 -17.73
C THR B 93 22.66 -38.43 -18.02
N LYS B 94 22.27 -39.21 -17.01
CA LYS B 94 22.13 -40.64 -17.15
C LYS B 94 20.94 -41.01 -16.27
N ASP B 95 19.80 -41.27 -16.90
CA ASP B 95 18.53 -41.47 -16.18
C ASP B 95 18.15 -40.21 -15.39
N ASP B 96 17.88 -40.35 -14.09
CA ASP B 96 17.71 -39.16 -13.25
C ASP B 96 18.94 -38.92 -12.38
N SER B 97 20.09 -39.02 -13.03
CA SER B 97 21.36 -38.75 -12.37
C SER B 97 22.19 -37.87 -13.29
N LEU B 98 22.95 -36.94 -12.71
CA LEU B 98 23.85 -36.11 -13.51
C LEU B 98 25.27 -36.65 -13.31
N ALA B 99 25.97 -36.96 -14.40
CA ALA B 99 27.35 -37.43 -14.28
C ALA B 99 28.29 -36.27 -14.49
N ILE B 100 29.33 -36.16 -13.67
CA ILE B 100 30.35 -35.12 -13.86
C ILE B 100 31.70 -35.80 -14.10
N LYS B 101 32.37 -35.46 -15.19
CA LYS B 101 33.63 -36.12 -15.51
C LYS B 101 34.74 -35.14 -15.84
N GLN B 102 35.93 -35.40 -15.30
CA GLN B 102 37.11 -34.65 -15.70
C GLN B 102 38.25 -35.64 -15.68
N ASN B 103 38.65 -36.10 -16.86
CA ASN B 103 39.74 -37.05 -17.02
CA ASN B 103 39.74 -37.06 -17.03
C ASN B 103 39.56 -38.28 -16.15
N LYS B 104 40.40 -38.41 -15.11
CA LYS B 104 40.33 -39.58 -14.24
C LYS B 104 39.26 -39.47 -13.15
N SER B 105 38.66 -38.30 -13.01
CA SER B 105 37.69 -38.10 -11.95
C SER B 105 36.27 -38.21 -12.50
N SER B 106 35.37 -38.82 -11.73
CA SER B 106 33.97 -38.92 -12.18
C SER B 106 33.02 -38.95 -10.99
N PHE B 107 31.88 -38.27 -11.12
CA PHE B 107 30.93 -38.21 -10.02
C PHE B 107 29.52 -38.43 -10.52
N LYS B 108 28.62 -38.82 -9.62
CA LYS B 108 27.20 -38.88 -9.93
C LYS B 108 26.40 -38.21 -8.82
N LEU B 109 25.42 -37.40 -9.21
CA LEU B 109 24.50 -36.79 -8.24
C LEU B 109 23.06 -36.99 -8.74
N PRO B 110 22.13 -37.21 -7.82
CA PRO B 110 20.76 -37.51 -8.27
C PRO B 110 20.05 -36.22 -8.73
N MET B 111 19.24 -36.31 -9.78
CA MET B 111 18.46 -35.16 -10.22
C MET B 111 17.03 -35.27 -9.71
N PHE B 112 16.35 -34.13 -9.55
CA PHE B 112 14.92 -34.14 -9.22
C PHE B 112 14.09 -33.88 -10.48
N ASP B 113 12.78 -34.05 -10.38
CA ASP B 113 11.89 -33.77 -11.50
C ASP B 113 11.86 -32.26 -11.76
N ALA B 114 12.36 -31.85 -12.92
CA ALA B 114 12.42 -30.43 -13.27
C ALA B 114 11.04 -29.76 -13.30
N ASP B 115 9.97 -30.55 -13.40
CA ASP B 115 8.61 -30.01 -13.45
C ASP B 115 8.20 -29.39 -12.11
N GLU B 116 8.90 -29.77 -11.05
CA GLU B 116 8.60 -29.22 -9.73
C GLU B 116 9.33 -27.89 -9.55
N PHE B 117 10.27 -27.60 -10.43
CA PHE B 117 11.12 -26.42 -10.26
C PHE B 117 10.27 -25.17 -10.57
N PRO B 118 10.31 -24.16 -9.68
CA PRO B 118 9.47 -22.97 -9.79
C PRO B 118 9.67 -22.25 -11.11
N GLU B 119 8.60 -21.68 -11.65
CA GLU B 119 8.70 -20.93 -12.90
C GLU B 119 9.51 -19.66 -12.64
N PHE B 120 10.47 -19.36 -13.51
CA PHE B 120 11.23 -18.14 -13.38
C PHE B 120 10.40 -17.01 -14.00
N PRO B 121 10.04 -16.00 -13.21
CA PRO B 121 9.06 -15.00 -13.63
C PRO B 121 9.54 -14.08 -14.75
N VAL B 122 8.57 -13.63 -15.53
CA VAL B 122 8.80 -12.62 -16.55
C VAL B 122 7.78 -11.50 -16.31
N ILE B 123 8.22 -10.24 -16.38
CA ILE B 123 7.32 -9.14 -16.09
C ILE B 123 7.00 -8.27 -17.30
N ASP B 124 5.89 -7.55 -17.21
CA ASP B 124 5.57 -6.47 -18.13
C ASP B 124 5.84 -5.18 -17.40
N PRO B 125 7.00 -4.57 -17.67
CA PRO B 125 7.53 -3.51 -16.80
C PRO B 125 6.65 -2.27 -16.82
N LYS B 126 6.48 -1.62 -15.67
CA LYS B 126 5.80 -0.33 -15.60
C LYS B 126 6.83 0.76 -15.52
N VAL B 127 8.03 0.39 -15.07
CA VAL B 127 9.12 1.35 -14.98
C VAL B 127 10.41 0.65 -15.33
N SER B 128 11.31 1.36 -16.01
CA SER B 128 12.57 0.75 -16.37
C SER B 128 13.62 1.83 -16.46
N ILE B 129 14.83 1.49 -16.05
CA ILE B 129 15.99 2.34 -16.26
C ILE B 129 17.18 1.51 -16.72
N GLU B 130 18.08 2.17 -17.43
CA GLU B 130 19.34 1.58 -17.84
C GLU B 130 20.38 2.25 -16.97
N VAL B 131 21.21 1.47 -16.29
CA VAL B 131 22.18 2.02 -15.37
C VAL B 131 23.56 1.81 -15.94
N ASN B 132 24.19 2.88 -16.43
CA ASN B 132 25.51 2.72 -17.04
C ASN B 132 26.66 3.29 -16.23
N ALA B 133 26.43 3.49 -14.93
CA ALA B 133 27.44 4.02 -14.04
C ALA B 133 27.22 3.41 -12.66
N PRO B 134 28.22 3.49 -11.76
CA PRO B 134 28.05 2.77 -10.50
C PRO B 134 27.11 3.44 -9.48
N PHE B 135 26.46 4.54 -9.86
CA PHE B 135 25.72 5.35 -8.87
C PHE B 135 24.64 4.60 -8.05
N LEU B 136 23.91 3.69 -8.68
CA LEU B 136 22.84 2.97 -7.98
C LEU B 136 23.38 2.00 -6.95
N VAL B 137 24.34 1.16 -7.32
CA VAL B 137 24.87 0.23 -6.32
C VAL B 137 25.69 0.97 -5.27
N ASP B 138 26.19 2.14 -5.64
CA ASP B 138 26.92 2.97 -4.68
C ASP B 138 25.93 3.45 -3.62
N ALA B 139 24.78 3.95 -4.07
CA ALA B 139 23.70 4.35 -3.17
C ALA B 139 23.28 3.17 -2.30
N PHE B 140 23.10 2.00 -2.92
CA PHE B 140 22.71 0.81 -2.19
C PHE B 140 23.72 0.44 -1.12
N LYS B 141 25.00 0.45 -1.48
CA LYS B 141 26.01 0.01 -0.52
C LYS B 141 26.12 1.02 0.62
N LYS B 142 25.88 2.28 0.31
CA LYS B 142 26.06 3.31 1.33
C LYS B 142 24.90 3.36 2.32
N ILE B 143 23.72 2.97 1.87
CA ILE B 143 22.50 3.08 2.67
C ILE B 143 22.19 1.79 3.43
N ALA B 144 22.62 0.66 2.87
CA ALA B 144 22.37 -0.65 3.46
C ALA B 144 22.56 -0.77 4.98
N PRO B 145 23.65 -0.18 5.54
CA PRO B 145 23.85 -0.39 6.97
C PRO B 145 22.75 0.19 7.87
N VAL B 146 21.93 1.11 7.38
CA VAL B 146 20.92 1.70 8.26
C VAL B 146 19.66 0.84 8.30
N ILE B 147 19.55 -0.07 7.34
CA ILE B 147 18.31 -0.83 7.14
C ILE B 147 18.30 -2.10 7.96
N GLU B 148 17.25 -2.26 8.79
CA GLU B 148 17.00 -3.50 9.51
C GLU B 148 16.36 -4.51 8.57
N GLN B 149 17.07 -5.60 8.31
CA GLN B 149 16.56 -6.66 7.45
C GLN B 149 15.40 -7.36 8.12
N THR B 150 15.67 -7.86 9.32
CA THR B 150 14.66 -8.49 10.15
C THR B 150 13.78 -7.45 10.85
N SER B 151 13.64 -6.28 10.23
CA SER B 151 12.76 -5.26 10.77
C SER B 151 11.39 -5.85 10.96
N HIS B 152 10.75 -5.47 12.05
CA HIS B 152 9.48 -6.04 12.43
C HIS B 152 8.39 -5.23 11.76
N LYS B 153 8.80 -4.07 11.22
CA LYS B 153 7.92 -3.26 10.39
C LYS B 153 8.21 -3.52 8.92
N ARG B 154 7.14 -3.87 8.21
CA ARG B 154 7.18 -4.37 6.83
C ARG B 154 8.03 -3.53 5.84
N GLU B 155 7.64 -2.29 5.64
CA GLU B 155 8.19 -1.46 4.57
C GLU B 155 9.58 -0.90 4.88
N LEU B 156 9.93 -0.85 6.17
CA LEU B 156 11.21 -0.30 6.60
C LEU B 156 12.29 -1.36 6.54
N ALA B 157 11.87 -2.60 6.30
CA ALA B 157 12.79 -3.71 6.17
C ALA B 157 13.39 -3.78 4.76
N GLY B 158 13.21 -2.71 3.99
CA GLY B 158 13.72 -2.68 2.63
C GLY B 158 14.25 -1.32 2.27
N ILE B 159 14.77 -1.19 1.05
CA ILE B 159 15.25 0.09 0.59
C ILE B 159 14.27 0.69 -0.40
N LEU B 160 13.98 1.97 -0.24
CA LEU B 160 13.02 2.64 -1.11
C LEU B 160 13.69 3.14 -2.40
N MET B 161 13.09 2.83 -3.55
CA MET B 161 13.45 3.46 -4.81
C MET B 161 12.26 4.23 -5.32
N GLN B 162 12.35 5.55 -5.30
CA GLN B 162 11.25 6.41 -5.72
C GLN B 162 11.59 7.08 -7.05
N PHE B 163 10.81 6.73 -8.08
CA PHE B 163 11.03 7.25 -9.43
C PHE B 163 10.15 8.45 -9.71
N ASP B 164 10.76 9.56 -10.10
CA ASP B 164 10.02 10.72 -10.60
C ASP B 164 10.32 10.86 -12.10
N GLN B 165 9.42 10.33 -12.93
CA GLN B 165 9.59 10.36 -14.39
C GLN B 165 9.72 11.78 -14.91
N LYS B 166 8.89 12.67 -14.40
CA LYS B 166 8.86 14.03 -14.91
C LYS B 166 10.18 14.75 -14.66
N HIS B 167 10.72 14.59 -13.47
CA HIS B 167 11.95 15.30 -13.14
C HIS B 167 13.19 14.43 -13.38
N GLN B 168 12.97 13.20 -13.84
CA GLN B 168 14.06 12.28 -14.16
C GLN B 168 15.00 12.14 -12.95
N THR B 169 14.40 11.86 -11.81
CA THR B 169 15.18 11.67 -10.60
C THR B 169 14.72 10.43 -9.90
N LEU B 170 15.70 9.69 -9.38
CA LEU B 170 15.43 8.50 -8.60
C LEU B 170 15.94 8.79 -7.20
N SER B 171 15.06 8.66 -6.21
CA SER B 171 15.48 8.83 -4.83
C SER B 171 15.62 7.48 -4.18
N VAL B 172 16.68 7.33 -3.37
CA VAL B 172 16.97 6.08 -2.72
C VAL B 172 17.06 6.37 -1.23
N VAL B 173 16.28 5.63 -0.42
CA VAL B 173 16.13 5.94 1.00
C VAL B 173 16.11 4.69 1.86
N GLY B 174 16.83 4.75 2.99
CA GLY B 174 16.77 3.68 3.97
C GLY B 174 16.55 4.33 5.32
N THR B 175 15.79 3.68 6.21
CA THR B 175 15.71 4.18 7.59
C THR B 175 15.42 3.06 8.59
N ASP B 176 15.81 3.30 9.84
CA ASP B 176 15.48 2.36 10.92
C ASP B 176 14.80 3.11 12.08
N THR B 177 14.29 4.30 11.77
CA THR B 177 13.61 5.20 12.72
C THR B 177 14.49 5.97 13.70
N LYS B 178 15.74 5.56 13.88
CA LYS B 178 16.70 6.36 14.65
C LYS B 178 17.47 7.26 13.71
N ARG B 179 17.57 6.81 12.46
CA ARG B 179 18.35 7.52 11.46
C ARG B 179 17.79 7.21 10.09
N LEU B 180 18.08 8.10 9.16
CA LEU B 180 17.52 8.00 7.81
C LEU B 180 18.59 8.44 6.84
N SER B 181 18.87 7.61 5.85
CA SER B 181 19.87 7.96 4.85
C SER B 181 19.20 7.99 3.50
N TYR B 182 19.52 9.02 2.73
CA TYR B 182 18.89 9.21 1.44
C TYR B 182 19.85 9.77 0.41
N THR B 183 19.46 9.62 -0.86
CA THR B 183 20.16 10.30 -1.93
C THR B 183 19.19 10.55 -3.05
N GLN B 184 19.46 11.62 -3.78
CA GLN B 184 18.65 11.91 -4.94
C GLN B 184 19.56 11.82 -6.17
N LEU B 185 19.20 10.90 -7.07
CA LEU B 185 19.97 10.71 -8.30
C LEU B 185 19.28 11.42 -9.45
N GLU B 186 19.90 12.48 -9.95
CA GLU B 186 19.28 13.28 -10.99
C GLU B 186 19.76 12.88 -12.39
N LYS B 187 19.06 13.40 -13.40
CA LYS B 187 19.40 13.15 -14.80
C LYS B 187 19.49 11.66 -15.09
N ILE B 188 18.44 10.95 -14.66
CA ILE B 188 18.31 9.54 -14.89
C ILE B 188 17.20 9.38 -15.92
N SER B 189 17.50 8.70 -17.02
CA SER B 189 16.48 8.46 -18.04
C SER B 189 15.51 7.43 -17.50
N ILE B 190 14.33 7.89 -17.07
CA ILE B 190 13.32 6.99 -16.51
C ILE B 190 12.20 6.76 -17.50
N HIS B 191 11.95 5.48 -17.82
CA HIS B 191 10.79 5.11 -18.61
C HIS B 191 9.76 4.49 -17.69
N SER B 192 8.58 5.09 -17.64
CA SER B 192 7.55 4.69 -16.68
C SER B 192 6.18 4.95 -17.27
N THR B 193 5.23 4.08 -16.96
CA THR B 193 3.86 4.27 -17.44
C THR B 193 3.12 5.31 -16.60
N GLU B 194 3.53 5.49 -15.35
CA GLU B 194 2.97 6.58 -14.56
C GLU B 194 4.02 7.56 -14.01
N GLU B 195 3.56 8.74 -13.62
CA GLU B 195 4.45 9.84 -13.25
C GLU B 195 5.34 9.55 -12.05
N ASP B 196 4.76 8.90 -11.04
CA ASP B 196 5.52 8.51 -9.87
C ASP B 196 5.24 7.06 -9.52
N ILE B 197 6.32 6.35 -9.16
CA ILE B 197 6.20 4.95 -8.79
C ILE B 197 7.29 4.62 -7.79
N SER B 198 6.94 3.84 -6.77
CA SER B 198 7.88 3.54 -5.71
C SER B 198 8.04 2.04 -5.60
N CYS B 199 9.30 1.60 -5.53
CA CYS B 199 9.58 0.18 -5.35
C CYS B 199 10.34 0.02 -4.06
N ILE B 200 9.93 -0.94 -3.24
CA ILE B 200 10.66 -1.22 -2.02
C ILE B 200 11.31 -2.59 -2.12
N LEU B 201 12.64 -2.59 -2.19
CA LEU B 201 13.42 -3.84 -2.31
C LEU B 201 13.78 -4.35 -0.94
N PRO B 202 13.49 -5.63 -0.66
CA PRO B 202 13.90 -6.23 0.63
C PRO B 202 15.41 -6.18 0.83
N LYS B 203 15.86 -6.09 2.08
CA LYS B 203 17.29 -6.03 2.40
C LYS B 203 18.07 -7.19 1.80
N ARG B 204 17.52 -8.40 1.86
CA ARG B 204 18.21 -9.55 1.30
C ARG B 204 18.52 -9.36 -0.17
N ALA B 205 17.53 -8.84 -0.91
CA ALA B 205 17.71 -8.59 -2.34
C ALA B 205 18.80 -7.57 -2.53
N LEU B 206 18.77 -6.54 -1.68
CA LEU B 206 19.75 -5.47 -1.72
C LEU B 206 21.18 -6.06 -1.62
N LEU B 207 21.39 -6.88 -0.61
CA LEU B 207 22.71 -7.48 -0.40
C LEU B 207 23.11 -8.41 -1.55
N GLU B 208 22.15 -9.19 -2.08
CA GLU B 208 22.47 -10.01 -3.25
C GLU B 208 22.84 -9.17 -4.48
N ILE B 209 22.08 -8.09 -4.72
CA ILE B 209 22.37 -7.22 -5.84
C ILE B 209 23.81 -6.71 -5.77
N LEU B 210 24.26 -6.41 -4.56
CA LEU B 210 25.63 -5.89 -4.39
C LEU B 210 26.69 -6.91 -4.81
N LYS B 211 26.38 -8.21 -4.68
CA LYS B 211 27.34 -9.23 -5.08
C LYS B 211 27.34 -9.45 -6.58
N LEU B 212 26.25 -9.07 -7.26
CA LEU B 212 26.07 -9.45 -8.63
C LEU B 212 26.35 -8.33 -9.61
N PHE B 213 25.99 -7.11 -9.21
CA PHE B 213 25.91 -6.04 -10.19
C PHE B 213 26.75 -4.85 -9.75
N TYR B 214 27.19 -4.06 -10.73
CA TYR B 214 27.96 -2.86 -10.46
C TYR B 214 27.52 -1.75 -11.41
N GLU B 215 27.77 -1.95 -12.71
CA GLU B 215 27.27 -1.01 -13.70
C GLU B 215 26.88 -1.75 -14.98
N ASN B 216 26.28 -1.02 -15.91
CA ASN B 216 25.78 -1.57 -17.16
C ASN B 216 24.82 -2.75 -16.94
N PHE B 217 23.68 -2.43 -16.33
CA PHE B 217 22.60 -3.39 -16.17
C PHE B 217 21.30 -2.62 -16.33
N SER B 218 20.21 -3.34 -16.53
CA SER B 218 18.91 -2.69 -16.59
C SER B 218 18.18 -3.01 -15.28
N PHE B 219 17.27 -2.12 -14.89
CA PHE B 219 16.40 -2.37 -13.76
C PHE B 219 14.99 -2.15 -14.23
N LYS B 220 14.11 -3.12 -14.02
CA LYS B 220 12.71 -2.99 -14.41
C LYS B 220 11.80 -3.49 -13.30
N SER B 221 10.62 -2.88 -13.21
CA SER B 221 9.63 -3.34 -12.24
C SER B 221 8.21 -3.24 -12.78
N ASP B 222 7.36 -4.17 -12.36
CA ASP B 222 5.95 -4.09 -12.69
C ASP B 222 5.14 -3.73 -11.45
N GLY B 223 5.84 -3.29 -10.40
CA GLY B 223 5.19 -2.90 -9.18
C GLY B 223 4.98 -4.07 -8.24
N MET B 224 5.31 -5.28 -8.72
CA MET B 224 5.21 -6.47 -7.89
C MET B 224 6.56 -7.16 -7.71
N LEU B 225 7.31 -7.26 -8.81
CA LEU B 225 8.65 -7.81 -8.81
C LEU B 225 9.59 -6.75 -9.36
N ALA B 226 10.85 -6.83 -8.99
CA ALA B 226 11.89 -6.06 -9.68
C ALA B 226 12.83 -7.05 -10.35
N VAL B 227 13.23 -6.74 -11.57
CA VAL B 227 14.10 -7.61 -12.35
C VAL B 227 15.33 -6.82 -12.78
N ILE B 228 16.52 -7.35 -12.47
CA ILE B 228 17.76 -6.69 -12.87
C ILE B 228 18.53 -7.58 -13.82
N GLU B 229 18.96 -7.03 -14.96
CA GLU B 229 19.63 -7.85 -15.98
C GLU B 229 20.90 -7.20 -16.53
N ASN B 230 21.94 -8.01 -16.69
CA ASN B 230 23.05 -7.68 -17.59
C ASN B 230 23.28 -8.85 -18.54
N GLU B 231 24.45 -8.93 -19.18
CA GLU B 231 24.62 -9.97 -20.20
C GLU B 231 24.62 -11.37 -19.59
N MET B 232 25.23 -11.53 -18.42
CA MET B 232 25.32 -12.85 -17.79
C MET B 232 24.14 -13.22 -16.87
N HIS B 233 23.56 -12.23 -16.18
CA HIS B 233 22.60 -12.52 -15.12
C HIS B 233 21.21 -11.94 -15.33
N THR B 234 20.20 -12.69 -14.88
CA THR B 234 18.86 -12.13 -14.68
C THR B 234 18.47 -12.42 -13.24
N PHE B 235 18.33 -11.35 -12.46
CA PHE B 235 17.97 -11.46 -11.06
C PHE B 235 16.58 -10.90 -10.89
N PHE B 236 15.80 -11.49 -9.99
CA PHE B 236 14.52 -10.89 -9.60
C PHE B 236 14.32 -10.95 -8.09
N THR B 237 13.53 -10.01 -7.59
CA THR B 237 13.07 -10.08 -6.21
C THR B 237 11.61 -9.65 -6.14
N LYS B 238 10.86 -10.28 -5.25
CA LYS B 238 9.54 -9.77 -4.96
C LYS B 238 9.75 -8.45 -4.24
N LEU B 239 8.85 -7.49 -4.44
CA LEU B 239 8.94 -6.23 -3.72
C LEU B 239 8.20 -6.33 -2.39
N ILE B 240 8.50 -5.43 -1.47
CA ILE B 240 7.72 -5.27 -0.26
C ILE B 240 6.48 -4.41 -0.53
N ASP B 241 5.29 -4.96 -0.24
CA ASP B 241 4.03 -4.24 -0.44
C ASP B 241 3.79 -3.21 0.64
N GLY B 242 3.21 -2.08 0.27
CA GLY B 242 2.83 -1.08 1.25
C GLY B 242 3.32 0.30 0.88
N ASN B 243 3.26 1.21 1.85
CA ASN B 243 3.67 2.58 1.64
C ASN B 243 4.84 2.96 2.54
N TYR B 244 5.93 3.34 1.92
CA TYR B 244 7.10 3.80 2.64
C TYR B 244 6.77 5.20 3.15
N PRO B 245 7.09 5.49 4.41
CA PRO B 245 6.80 6.83 4.96
C PRO B 245 7.46 7.92 4.13
N ASP B 246 6.80 9.06 3.93
CA ASP B 246 7.48 10.14 3.20
C ASP B 246 8.59 10.74 4.07
N TYR B 247 9.83 10.50 3.65
CA TYR B 247 10.99 10.98 4.37
C TYR B 247 11.11 12.50 4.31
N GLN B 248 10.50 13.10 3.29
CA GLN B 248 10.60 14.54 3.11
C GLN B 248 9.95 15.31 4.24
N LYS B 249 8.90 14.73 4.82
CA LYS B 249 8.16 15.36 5.91
C LYS B 249 8.95 15.50 7.20
N ILE B 250 9.97 14.65 7.36
CA ILE B 250 10.76 14.58 8.59
C ILE B 250 12.05 15.42 8.51
N LEU B 251 12.51 15.71 7.30
CA LEU B 251 13.68 16.54 7.11
C LEU B 251 13.39 17.96 7.59
N PRO B 252 14.29 18.50 8.44
CA PRO B 252 14.14 19.90 8.82
C PRO B 252 14.26 20.79 7.59
N LYS B 253 13.61 21.95 7.60
CA LYS B 253 13.61 22.81 6.43
C LYS B 253 14.92 23.57 6.34
N GLU B 254 15.34 24.10 7.49
CA GLU B 254 16.59 24.83 7.58
C GLU B 254 17.40 24.31 8.75
N TYR B 255 18.66 24.71 8.80
CA TYR B 255 19.51 24.42 9.95
C TYR B 255 20.12 25.71 10.43
N ILE B 256 20.13 25.89 11.74
CA ILE B 256 20.68 27.08 12.36
C ILE B 256 22.18 27.13 12.13
N SER B 257 22.84 25.99 12.29
CA SER B 257 24.29 25.92 12.17
C SER B 257 24.73 24.80 11.22
N SER B 258 25.78 25.10 10.46
CA SER B 258 26.42 24.14 9.58
C SER B 258 27.93 24.21 9.74
N PHE B 259 28.54 23.09 10.10
CA PHE B 259 29.98 23.08 10.35
C PHE B 259 30.68 22.19 9.33
N THR B 260 31.77 22.68 8.75
CA THR B 260 32.58 21.87 7.82
C THR B 260 33.74 21.28 8.62
N LEU B 261 33.79 19.97 8.73
CA LEU B 261 34.70 19.31 9.66
C LEU B 261 35.46 18.17 8.98
N GLY B 262 36.52 17.70 9.64
CA GLY B 262 37.38 16.68 9.08
C GLY B 262 36.85 15.28 9.26
N LYS B 263 36.63 14.57 8.15
CA LYS B 263 36.01 13.26 8.23
C LYS B 263 36.87 12.24 8.97
N GLU B 264 38.13 12.09 8.57
CA GLU B 264 38.95 11.04 9.16
C GLU B 264 39.33 11.36 10.61
N GLU B 265 39.53 12.63 10.92
CA GLU B 265 39.79 13.00 12.31
C GLU B 265 38.60 12.67 13.21
N PHE B 266 37.40 12.97 12.75
CA PHE B 266 36.20 12.57 13.48
C PHE B 266 36.05 11.07 13.62
N LYS B 267 36.26 10.32 12.54
CA LYS B 267 36.18 8.86 12.62
C LYS B 267 37.13 8.37 13.68
N GLU B 268 38.35 8.90 13.65
CA GLU B 268 39.40 8.40 14.53
C GLU B 268 39.09 8.75 15.98
N SER B 269 38.57 9.95 16.20
CA SER B 269 38.26 10.41 17.56
C SER B 269 37.06 9.65 18.15
N ILE B 270 36.06 9.44 17.32
CA ILE B 270 34.85 8.70 17.72
C ILE B 270 35.15 7.23 18.04
N LYS B 271 35.92 6.57 17.19
CA LYS B 271 36.34 5.20 17.48
C LYS B 271 37.07 5.13 18.82
N LEU B 272 37.93 6.12 19.04
CA LEU B 272 38.75 6.17 20.24
C LEU B 272 37.89 6.22 21.50
N CYS B 273 36.85 7.06 21.51
CA CYS B 273 35.98 7.15 22.69
C CYS B 273 35.05 5.94 22.75
N SER B 274 34.81 5.33 21.59
CA SER B 274 33.92 4.17 21.48
C SER B 274 34.50 2.95 22.18
N SER B 275 35.77 3.02 22.54
CA SER B 275 36.39 1.91 23.23
C SER B 275 35.71 1.69 24.57
N LEU B 276 35.18 2.77 25.14
CA LEU B 276 34.57 2.72 26.48
C LEU B 276 33.07 3.06 26.54
N SER B 277 32.47 3.41 25.41
CA SER B 277 31.07 3.86 25.41
C SER B 277 30.39 3.66 24.07
N SER B 278 29.06 3.75 24.03
CA SER B 278 28.37 3.65 22.75
C SER B 278 27.81 5.00 22.34
N THR B 279 27.80 5.93 23.29
CA THR B 279 27.38 7.30 23.01
C THR B 279 28.48 8.27 23.43
N ILE B 280 28.50 9.42 22.77
CA ILE B 280 29.62 10.35 22.91
C ILE B 280 29.09 11.77 23.03
N LYS B 281 29.69 12.55 23.92
CA LYS B 281 29.40 13.97 23.99
C LYS B 281 30.39 14.75 23.12
N LEU B 282 29.88 15.36 22.05
CA LEU B 282 30.68 16.18 21.14
C LEU B 282 30.57 17.66 21.53
N THR B 283 31.71 18.31 21.72
CA THR B 283 31.69 19.72 22.03
C THR B 283 32.42 20.49 20.96
N LEU B 284 31.69 21.34 20.24
CA LEU B 284 32.30 22.18 19.21
C LEU B 284 32.59 23.58 19.73
N GLU B 285 33.86 23.99 19.62
CA GLU B 285 34.26 25.37 19.90
C GLU B 285 34.80 25.97 18.62
N LYS B 286 35.27 27.22 18.68
CA LYS B 286 35.65 27.91 17.45
C LYS B 286 36.81 27.21 16.73
N ASN B 287 37.80 26.78 17.50
CA ASN B 287 38.96 26.11 16.91
C ASN B 287 39.27 24.76 17.52
N ASN B 288 38.24 24.08 18.02
CA ASN B 288 38.45 22.79 18.68
C ASN B 288 37.20 21.92 18.65
N ALA B 289 37.41 20.62 18.54
CA ALA B 289 36.31 19.67 18.64
C ALA B 289 36.71 18.76 19.78
N LEU B 290 35.81 18.59 20.75
CA LEU B 290 36.14 17.82 21.93
C LEU B 290 35.23 16.59 21.95
N PHE B 291 35.78 15.43 22.31
CA PHE B 291 34.99 14.20 22.33
C PHE B 291 35.12 13.54 23.70
N GLU B 292 34.00 13.18 24.32
CA GLU B 292 34.00 12.55 25.65
C GLU B 292 33.04 11.39 25.68
N SER B 293 33.47 10.27 26.27
CA SER B 293 32.55 9.12 26.44
C SER B 293 31.39 9.56 27.32
N LEU B 294 30.19 9.09 27.01
CA LEU B 294 28.99 9.57 27.69
C LEU B 294 28.33 8.41 28.41
N ASP B 295 28.29 7.30 27.68
CA ASP B 295 27.62 6.05 28.00
C ASP B 295 28.49 5.15 28.89
N SER B 296 29.64 5.65 29.31
CA SER B 296 30.65 4.79 29.93
C SER B 296 30.32 4.38 31.36
N GLU B 297 30.78 3.18 31.75
CA GLU B 297 30.69 2.68 33.13
C GLU B 297 31.27 3.72 34.10
N HIS B 298 30.86 3.65 35.37
CA HIS B 298 31.16 4.72 36.33
C HIS B 298 32.60 5.24 36.34
N SER B 299 33.56 4.37 36.63
CA SER B 299 34.94 4.84 36.77
C SER B 299 35.74 4.80 35.45
N GLU B 300 35.05 4.69 34.32
CA GLU B 300 35.71 4.58 33.04
C GLU B 300 35.46 5.84 32.22
N THR B 301 36.53 6.40 31.67
CA THR B 301 36.46 7.71 31.03
C THR B 301 37.38 7.77 29.79
N ALA B 302 36.90 8.36 28.69
CA ALA B 302 37.67 8.54 27.46
C ALA B 302 37.44 9.96 26.97
N LYS B 303 38.51 10.69 26.69
CA LYS B 303 38.40 12.03 26.13
C LYS B 303 39.46 12.20 25.05
N THR B 304 39.13 12.99 24.04
CA THR B 304 40.14 13.46 23.08
C THR B 304 39.65 14.74 22.42
N SER B 305 40.56 15.47 21.79
CA SER B 305 40.16 16.64 21.03
C SER B 305 40.99 16.78 19.74
N VAL B 306 40.46 17.54 18.79
CA VAL B 306 41.20 17.91 17.60
C VAL B 306 41.10 19.41 17.35
N GLU B 307 42.22 19.99 16.94
CA GLU B 307 42.25 21.40 16.60
C GLU B 307 41.45 21.59 15.32
N ILE B 308 40.71 22.69 15.23
CA ILE B 308 40.03 23.07 14.00
C ILE B 308 40.66 24.36 13.48
N GLU B 309 41.48 24.25 12.43
CA GLU B 309 42.25 25.39 11.96
C GLU B 309 41.38 26.47 11.36
N LYS B 310 40.38 26.06 10.59
CA LYS B 310 39.48 27.03 9.97
C LYS B 310 38.27 27.27 10.88
N GLY B 311 38.35 28.34 11.68
CA GLY B 311 37.41 28.64 12.73
C GLY B 311 35.95 28.43 12.42
N LEU B 312 35.26 27.72 13.31
CA LEU B 312 33.82 27.52 13.16
C LEU B 312 33.07 28.80 13.56
N ASP B 313 31.94 29.07 12.91
CA ASP B 313 31.10 30.22 13.30
C ASP B 313 30.37 29.91 14.60
N ILE B 314 31.12 30.03 15.70
CA ILE B 314 30.69 29.62 17.03
C ILE B 314 31.22 30.63 18.04
N GLU B 315 30.34 31.18 18.86
CA GLU B 315 30.66 32.26 19.78
C GLU B 315 30.61 31.75 21.21
N LYS B 316 30.35 30.46 21.33
CA LYS B 316 30.17 29.79 22.61
C LYS B 316 29.96 28.32 22.28
N ALA B 317 30.56 27.44 23.08
CA ALA B 317 30.59 26.00 22.79
C ALA B 317 29.21 25.40 22.46
N PHE B 318 29.20 24.50 21.49
CA PHE B 318 27.98 23.79 21.11
C PHE B 318 28.16 22.35 21.57
N HIS B 319 27.17 21.82 22.27
CA HIS B 319 27.30 20.47 22.83
C HIS B 319 26.28 19.57 22.17
N LEU B 320 26.73 18.40 21.73
CA LEU B 320 25.84 17.48 21.01
C LEU B 320 26.07 16.03 21.44
N GLY B 321 25.01 15.34 21.83
CA GLY B 321 25.14 13.96 22.24
C GLY B 321 24.83 13.07 21.07
N VAL B 322 25.75 12.15 20.75
CA VAL B 322 25.57 11.32 19.55
C VAL B 322 25.79 9.84 19.81
N ASN B 323 25.11 9.02 19.02
CA ASN B 323 25.38 7.59 18.95
C ASN B 323 26.63 7.39 18.11
N ALA B 324 27.64 6.75 18.69
CA ALA B 324 28.95 6.65 18.06
C ALA B 324 28.87 5.85 16.76
N LYS B 325 28.26 4.67 16.84
CA LYS B 325 28.12 3.81 15.68
C LYS B 325 27.36 4.51 14.54
N PHE B 326 26.30 5.24 14.87
CA PHE B 326 25.52 5.87 13.80
C PHE B 326 26.37 6.95 13.15
N PHE B 327 27.04 7.73 13.97
CA PHE B 327 27.86 8.84 13.46
C PHE B 327 28.95 8.26 12.55
N LEU B 328 29.58 7.18 13.02
CA LEU B 328 30.63 6.54 12.23
C LEU B 328 30.09 6.04 10.91
N GLU B 329 28.94 5.37 10.95
CA GLU B 329 28.38 4.86 9.71
C GLU B 329 28.00 5.99 8.76
N ALA B 330 27.55 7.11 9.31
CA ALA B 330 27.20 8.23 8.44
C ALA B 330 28.45 8.77 7.74
N LEU B 331 29.57 8.78 8.45
CA LEU B 331 30.83 9.26 7.88
C LEU B 331 31.34 8.25 6.84
N ASN B 332 31.22 6.96 7.14
CA ASN B 332 31.60 5.92 6.17
C ASN B 332 30.90 6.05 4.82
N ALA B 333 29.70 6.60 4.80
CA ALA B 333 28.91 6.68 3.57
C ALA B 333 29.29 7.88 2.71
N LEU B 334 30.25 8.68 3.18
CA LEU B 334 30.66 9.91 2.48
C LEU B 334 31.94 9.72 1.67
N GLY B 335 31.99 10.31 0.48
CA GLY B 335 33.16 10.18 -0.37
C GLY B 335 34.15 11.35 -0.35
N THR B 336 33.92 12.34 0.50
CA THR B 336 34.77 13.55 0.54
C THR B 336 35.63 13.51 1.77
N THR B 337 36.71 14.30 1.80
CA THR B 337 37.64 14.27 2.93
C THR B 337 37.11 15.09 4.09
N GLN B 338 36.16 15.97 3.79
CA GLN B 338 35.50 16.81 4.77
C GLN B 338 34.01 16.51 4.77
N PHE B 339 33.33 16.81 5.88
CA PHE B 339 31.89 16.63 5.92
C PHE B 339 31.23 17.87 6.54
N VAL B 340 29.93 17.99 6.30
CA VAL B 340 29.18 19.09 6.86
C VAL B 340 28.21 18.53 7.89
N LEU B 341 28.27 19.08 9.08
CA LEU B 341 27.35 18.71 10.15
C LEU B 341 26.36 19.86 10.29
N ARG B 342 25.10 19.58 10.01
CA ARG B 342 24.06 20.61 10.11
C ARG B 342 23.16 20.37 11.32
N CYS B 343 23.02 21.39 12.17
CA CYS B 343 22.34 21.24 13.45
C CYS B 343 21.33 22.35 13.70
N ASN B 344 20.28 22.01 14.45
CA ASN B 344 19.46 23.02 15.10
C ASN B 344 19.72 22.96 16.60
N GLU B 345 18.70 22.70 17.40
CA GLU B 345 18.91 22.53 18.85
C GLU B 345 19.53 21.16 19.15
N PRO B 346 20.25 21.04 20.29
CA PRO B 346 20.94 19.80 20.64
C PRO B 346 20.00 18.64 20.82
N SER B 347 18.72 18.93 21.03
CA SER B 347 17.71 17.89 21.17
C SER B 347 17.05 17.56 19.82
N SER B 348 17.40 18.32 18.79
CA SER B 348 16.80 18.15 17.45
C SER B 348 17.65 17.27 16.54
N PRO B 349 17.00 16.57 15.58
CA PRO B 349 17.72 15.77 14.58
C PRO B 349 18.78 16.60 13.86
N PHE B 350 19.93 15.99 13.57
CA PHE B 350 20.99 16.68 12.84
C PHE B 350 21.40 15.90 11.59
N LEU B 351 22.04 16.58 10.66
CA LEU B 351 22.31 16.02 9.34
C LEU B 351 23.82 15.86 9.13
N ILE B 352 24.23 14.74 8.54
CA ILE B 352 25.62 14.56 8.12
C ILE B 352 25.63 14.37 6.61
N GLN B 353 26.40 15.18 5.89
CA GLN B 353 26.49 15.05 4.44
C GLN B 353 27.87 15.44 3.91
N GLU B 354 28.14 15.14 2.64
CA GLU B 354 29.42 15.46 2.04
C GLU B 354 29.60 16.96 2.00
N SER B 355 30.85 17.39 2.01
CA SER B 355 31.16 18.76 1.66
C SER B 355 30.75 18.89 0.19
N LEU B 356 30.22 20.05 -0.20
CA LEU B 356 29.76 20.27 -1.58
C LEU B 356 28.73 19.24 -2.06
N ASP B 357 27.83 18.80 -1.18
CA ASP B 357 26.78 17.85 -1.55
C ASP B 357 25.99 18.36 -2.74
N GLU B 358 25.82 19.67 -2.81
CA GLU B 358 25.02 20.29 -3.86
C GLU B 358 25.66 20.18 -5.25
N LYS B 359 26.96 19.90 -5.28
CA LYS B 359 27.68 19.81 -6.56
C LYS B 359 27.30 18.55 -7.35
N GLN B 360 27.07 18.73 -8.64
CA GLN B 360 26.65 17.62 -9.50
C GLN B 360 27.72 16.53 -9.64
N SER B 361 27.30 15.28 -9.55
CA SER B 361 28.23 14.16 -9.72
C SER B 361 27.66 13.08 -10.65
N HIS B 362 28.54 12.48 -11.45
CA HIS B 362 28.15 11.52 -12.47
C HIS B 362 28.20 10.08 -11.95
N LEU B 363 29.37 9.67 -11.50
CA LEU B 363 29.65 8.27 -11.19
C LEU B 363 29.09 7.81 -9.86
N ASN B 364 28.88 8.76 -8.95
CA ASN B 364 28.63 8.44 -7.55
C ASN B 364 27.33 8.96 -6.95
N ALA B 365 26.89 8.28 -5.90
CA ALA B 365 25.76 8.78 -5.13
C ALA B 365 26.32 9.57 -3.95
N LYS B 366 25.69 10.71 -3.63
CA LYS B 366 26.04 11.41 -2.39
C LYS B 366 24.92 11.22 -1.37
N ILE B 367 25.24 10.49 -0.32
CA ILE B 367 24.29 10.06 0.70
C ILE B 367 24.36 11.07 1.85
N SER B 368 23.19 11.50 2.33
CA SER B 368 23.11 12.37 3.50
C SER B 368 22.45 11.53 4.59
N THR B 369 22.85 11.73 5.84
CA THR B 369 22.23 10.99 6.93
C THR B 369 21.65 11.92 8.00
N LEU B 370 20.36 11.73 8.30
CA LEU B 370 19.69 12.48 9.36
C LEU B 370 19.59 11.58 10.61
N MET B 371 20.01 12.10 11.76
CA MET B 371 20.12 11.31 12.99
C MET B 371 19.49 12.02 14.19
N MET B 372 18.87 11.25 15.08
CA MET B 372 18.40 11.77 16.37
C MET B 372 19.57 11.83 17.34
N PRO B 373 19.73 12.98 18.03
CA PRO B 373 20.80 13.08 19.02
C PRO B 373 20.45 12.36 20.33
N ILE B 374 21.43 12.23 21.21
CA ILE B 374 21.25 11.72 22.57
C ILE B 374 21.13 12.92 23.50
N THR B 375 20.17 12.89 24.43
CA THR B 375 19.99 13.99 25.38
C THR B 375 21.20 14.12 26.31
N LEU B 376 21.56 15.37 26.64
CA LEU B 376 22.76 15.71 27.41
C LEU B 376 24.06 15.44 26.65
#